data_9MLV
#
_entry.id   9MLV
#
_cell.length_a   1.00
_cell.length_b   1.00
_cell.length_c   1.00
_cell.angle_alpha   90.00
_cell.angle_beta   90.00
_cell.angle_gamma   90.00
#
_symmetry.space_group_name_H-M   'P 1'
#
_entity_poly.entity_id   1
_entity_poly.type   'polypeptide(L)'
_entity_poly.pdbx_seq_one_letter_code
;MEQTEKSKVYAENGLLEKIKLCLSKKPLPSPTERKKFDHDFAISTSFHGIHNIVQNRSKIRRVLWLVVVLGSVSLVTWQI
YIRLLNYFTWPTTTSIEVQYVEKMEFPAVTFCNLNRFQTDAVAKFGVIFFLWHIVSKVLHLQEITANSTGSREATDFAAS
HQNFSIVEFIRNKGFYLNNSTLLDCEFFGKPCSPKDFAHVFTEYGNCFTFNHGETLQAKRKVSVSGRGLSLLFNVNQEAF
TDNPALGFVDAGIIFVIHSPKKVPQFDGLGLLSPVGMHARVTIRQVKTVHQEYPWGECNPNIKLQNFSSYSTSGCLKECK
AQHIKKQCGCVPFLLPGYGIECDLQKYFSCVSPVLDHIEFKDLCTVGTHNSSCPVSCEEIEYPATISYSSFPSQKALKYL
SKKLNQSRKYIRENLVKIEINYSDLNYKITQQQKAVSVSELLADLGGQLGLFCGASLITIIEIIEYLFTNFYWICIFFLL
KISEMTQWTPPPQNHLGNKNRIEEC
;
_entity_poly.pdbx_strand_id   A,C,B
#
# COMPACT_ATOMS: atom_id res chain seq x y z
N ASP A 38 25.96 64.20 15.50
CA ASP A 38 25.00 63.57 16.45
C ASP A 38 23.79 63.02 15.71
N HIS A 39 23.01 63.92 15.10
CA HIS A 39 21.80 63.50 14.41
C HIS A 39 22.09 62.54 13.26
N ASP A 40 23.33 62.52 12.76
CA ASP A 40 23.66 61.61 11.66
C ASP A 40 23.42 60.16 12.06
N PHE A 41 23.56 59.83 13.34
CA PHE A 41 23.36 58.45 13.77
C PHE A 41 21.94 57.99 13.49
N ALA A 42 20.94 58.82 13.81
CA ALA A 42 19.56 58.46 13.54
C ALA A 42 19.20 58.63 12.08
N ILE A 43 19.77 59.66 11.42
CA ILE A 43 19.42 59.93 10.03
C ILE A 43 20.11 58.97 9.08
N SER A 44 21.30 58.47 9.43
CA SER A 44 22.11 57.67 8.54
C SER A 44 21.85 56.18 8.66
N THR A 45 21.28 55.72 9.77
CA THR A 45 21.02 54.29 9.94
C THR A 45 20.07 53.83 8.84
N SER A 46 20.59 53.02 7.91
CA SER A 46 19.86 52.69 6.69
C SER A 46 18.64 51.81 6.93
N PHE A 47 18.52 51.21 8.11
CA PHE A 47 17.31 50.46 8.41
C PHE A 47 16.10 51.37 8.28
N HIS A 48 15.05 50.85 7.66
CA HIS A 48 13.87 51.68 7.39
C HIS A 48 13.38 52.33 8.67
N GLY A 49 13.16 51.53 9.71
CA GLY A 49 12.95 52.04 11.06
C GLY A 49 12.16 53.34 11.11
N ILE A 50 12.76 54.37 11.72
CA ILE A 50 12.14 55.69 11.78
C ILE A 50 13.26 56.73 11.77
N HIS A 51 13.58 57.25 10.60
CA HIS A 51 14.61 58.28 10.51
C HIS A 51 14.18 59.56 11.18
N ASN A 52 12.89 59.89 11.14
CA ASN A 52 12.38 61.17 11.59
C ASN A 52 11.94 61.17 13.05
N ILE A 53 12.52 60.32 13.89
CA ILE A 53 12.17 60.33 15.31
C ILE A 53 12.39 61.71 15.89
N VAL A 54 13.56 62.30 15.60
CA VAL A 54 13.88 63.66 16.05
C VAL A 54 13.87 64.65 14.90
N GLN A 55 14.17 64.20 13.68
CA GLN A 55 14.18 65.10 12.54
C GLN A 55 12.80 65.63 12.18
N ASN A 56 11.74 64.96 12.65
CA ASN A 56 10.39 65.43 12.38
C ASN A 56 10.15 66.82 12.96
N ARG A 57 10.81 67.17 14.06
CA ARG A 57 10.63 68.48 14.69
C ARG A 57 9.17 68.71 15.08
N SER A 58 8.48 67.64 15.48
CA SER A 58 7.11 67.75 15.93
C SER A 58 6.85 66.67 16.97
N LYS A 59 6.04 67.00 17.98
CA LYS A 59 5.81 66.06 19.07
C LYS A 59 5.06 64.82 18.60
N ILE A 60 3.95 65.03 17.89
CA ILE A 60 3.13 63.89 17.45
C ILE A 60 3.92 63.00 16.52
N ARG A 61 4.62 63.60 15.55
CA ARG A 61 5.39 62.80 14.61
C ARG A 61 6.50 62.03 15.32
N ARG A 62 7.19 62.69 16.26
CA ARG A 62 8.26 62.01 16.99
C ARG A 62 7.73 60.84 17.79
N VAL A 63 6.60 61.02 18.48
CA VAL A 63 6.01 59.92 19.25
C VAL A 63 5.61 58.77 18.34
N LEU A 64 4.96 59.08 17.22
CA LEU A 64 4.55 58.03 16.28
C LEU A 64 5.75 57.28 15.76
N TRP A 65 6.82 58.00 15.43
CA TRP A 65 8.00 57.36 14.87
C TRP A 65 8.70 56.47 15.89
N LEU A 66 8.79 56.93 17.14
CA LEU A 66 9.34 56.08 18.18
C LEU A 66 8.50 54.81 18.37
N VAL A 67 7.18 54.96 18.37
CA VAL A 67 6.31 53.80 18.53
C VAL A 67 6.52 52.81 17.39
N VAL A 68 6.60 53.31 16.16
CA VAL A 68 6.80 52.43 15.00
C VAL A 68 8.13 51.71 15.11
N VAL A 69 9.20 52.46 15.45
CA VAL A 69 10.51 51.85 15.57
C VAL A 69 10.50 50.73 16.61
N LEU A 70 9.85 50.95 17.74
CA LEU A 70 9.76 49.90 18.75
C LEU A 70 8.98 48.69 18.24
N GLY A 71 7.79 48.93 17.70
CA GLY A 71 6.89 47.83 17.38
C GLY A 71 7.41 46.94 16.27
N SER A 72 7.99 47.54 15.23
CA SER A 72 8.48 46.75 14.11
C SER A 72 9.52 45.74 14.58
N VAL A 73 10.52 46.21 15.33
CA VAL A 73 11.57 45.31 15.79
C VAL A 73 11.03 44.32 16.82
N SER A 74 10.06 44.73 17.64
CA SER A 74 9.47 43.79 18.57
C SER A 74 8.84 42.60 17.84
N LEU A 75 8.01 42.90 16.84
CA LEU A 75 7.39 41.82 16.07
C LEU A 75 8.45 40.97 15.37
N VAL A 76 9.46 41.63 14.81
CA VAL A 76 10.50 40.91 14.08
C VAL A 76 11.22 39.93 15.01
N THR A 77 11.63 40.40 16.19
CA THR A 77 12.36 39.54 17.10
C THR A 77 11.49 38.39 17.60
N TRP A 78 10.21 38.66 17.87
CA TRP A 78 9.33 37.58 18.28
C TRP A 78 9.25 36.51 17.19
N GLN A 79 9.07 36.93 15.93
CA GLN A 79 8.96 35.97 14.84
C GLN A 79 10.25 35.19 14.66
N ILE A 80 11.40 35.86 14.77
CA ILE A 80 12.68 35.18 14.57
C ILE A 80 12.92 34.17 15.69
N TYR A 81 12.57 34.53 16.92
CA TYR A 81 12.70 33.58 18.02
C TYR A 81 11.82 32.37 17.76
N ILE A 82 10.59 32.59 17.32
CA ILE A 82 9.69 31.47 17.02
C ILE A 82 10.33 30.58 15.96
N ARG A 83 10.87 31.19 14.91
CA ARG A 83 11.42 30.40 13.80
C ARG A 83 12.64 29.60 14.24
N LEU A 84 13.51 30.19 15.06
CA LEU A 84 14.64 29.43 15.59
C LEU A 84 14.15 28.27 16.45
N LEU A 85 13.10 28.50 17.23
CA LEU A 85 12.52 27.42 18.01
C LEU A 85 12.06 26.28 17.13
N ASN A 86 11.36 26.60 16.03
CA ASN A 86 10.91 25.56 15.12
C ASN A 86 12.10 24.84 14.49
N TYR A 87 13.12 25.58 14.07
CA TYR A 87 14.30 24.96 13.50
C TYR A 87 14.91 23.95 14.46
N PHE A 88 15.05 24.31 15.72
CA PHE A 88 15.68 23.41 16.67
C PHE A 88 14.89 22.12 16.88
N THR A 89 13.70 22.00 16.30
CA THR A 89 13.01 20.72 16.29
C THR A 89 13.55 19.76 15.23
N TRP A 90 14.39 20.25 14.33
CA TRP A 90 14.96 19.43 13.26
C TRP A 90 13.84 18.83 12.40
N PRO A 91 13.01 19.66 11.79
CA PRO A 91 11.86 19.14 11.03
C PRO A 91 12.31 18.37 9.80
N THR A 92 11.40 17.54 9.29
CA THR A 92 11.66 16.72 8.11
C THR A 92 10.37 16.58 7.31
N THR A 93 10.53 16.26 6.03
CA THR A 93 9.42 15.96 5.15
C THR A 93 9.81 14.79 4.26
N THR A 94 8.81 14.05 3.80
CA THR A 94 9.03 12.84 3.02
C THR A 94 8.40 12.99 1.64
N SER A 95 8.97 12.32 0.65
CA SER A 95 8.49 12.36 -0.71
C SER A 95 8.40 10.94 -1.29
N ILE A 96 7.47 10.76 -2.22
CA ILE A 96 7.22 9.47 -2.86
C ILE A 96 7.39 9.64 -4.35
N GLU A 97 8.16 8.73 -4.97
CA GLU A 97 8.38 8.77 -6.41
C GLU A 97 8.37 7.35 -6.96
N VAL A 98 8.10 7.24 -8.25
CA VAL A 98 8.03 5.95 -8.93
C VAL A 98 8.86 5.99 -10.19
N GLN A 99 10.00 5.30 -10.19
CA GLN A 99 10.87 5.27 -11.35
C GLN A 99 10.80 3.91 -12.04
N TYR A 100 11.39 3.83 -13.22
CA TYR A 100 11.43 2.62 -14.01
C TYR A 100 12.75 2.53 -14.76
N VAL A 101 13.15 1.31 -15.08
CA VAL A 101 14.44 1.04 -15.70
C VAL A 101 14.24 0.05 -16.84
N GLU A 102 15.24 -0.02 -17.72
CA GLU A 102 15.18 -0.98 -18.82
C GLU A 102 15.14 -2.40 -18.29
N LYS A 103 15.94 -2.71 -17.28
CA LYS A 103 15.91 -4.00 -16.64
C LYS A 103 16.26 -3.82 -15.17
N MET A 104 15.92 -4.82 -14.36
CA MET A 104 15.98 -4.68 -12.92
C MET A 104 16.43 -6.00 -12.29
N GLU A 105 16.94 -5.90 -11.07
CA GLU A 105 17.42 -7.08 -10.37
C GLU A 105 16.27 -7.84 -9.72
N PHE A 106 16.21 -9.13 -9.97
CA PHE A 106 15.17 -9.96 -9.36
C PHE A 106 15.60 -10.35 -7.95
N PRO A 107 14.79 -10.07 -6.92
CA PRO A 107 15.21 -10.36 -5.56
C PRO A 107 15.37 -11.86 -5.33
N ALA A 108 16.32 -12.18 -4.44
CA ALA A 108 16.55 -13.57 -4.09
C ALA A 108 15.36 -14.14 -3.32
N VAL A 109 15.13 -15.43 -3.51
CA VAL A 109 14.05 -16.13 -2.83
C VAL A 109 14.63 -17.36 -2.16
N THR A 110 14.01 -17.77 -1.07
CA THR A 110 14.44 -18.96 -0.34
C THR A 110 13.22 -19.79 0.03
N PHE A 111 13.41 -21.10 0.11
CA PHE A 111 12.32 -22.04 0.33
C PHE A 111 12.67 -23.02 1.44
N CYS A 112 11.64 -23.52 2.11
CA CYS A 112 11.78 -24.55 3.12
C CYS A 112 10.54 -25.42 3.09
N ASN A 113 10.68 -26.64 3.61
CA ASN A 113 9.59 -27.59 3.68
C ASN A 113 8.97 -27.56 5.08
N LEU A 114 7.65 -27.51 5.15
CA LEU A 114 6.98 -27.47 6.44
C LEU A 114 7.09 -28.80 7.19
N ASN A 115 7.54 -29.86 6.53
CA ASN A 115 7.94 -31.09 7.18
C ASN A 115 9.46 -31.17 7.09
N ARG A 116 10.12 -31.21 8.24
CA ARG A 116 11.54 -30.87 8.30
C ARG A 116 12.47 -32.08 8.28
N PHE A 117 11.98 -33.28 8.56
CA PHE A 117 12.86 -34.42 8.78
C PHE A 117 12.41 -35.62 7.95
N GLN A 118 13.38 -36.36 7.44
CA GLN A 118 13.10 -37.59 6.73
C GLN A 118 12.47 -38.60 7.67
N THR A 119 11.41 -39.27 7.20
CA THR A 119 10.57 -40.05 8.11
C THR A 119 11.35 -41.19 8.76
N ASP A 120 12.19 -41.89 8.00
CA ASP A 120 12.86 -43.05 8.57
C ASP A 120 13.84 -42.64 9.67
N ALA A 121 14.62 -41.59 9.44
CA ALA A 121 15.62 -41.19 10.43
C ALA A 121 14.99 -40.76 11.74
N VAL A 122 13.71 -40.40 11.72
CA VAL A 122 13.03 -39.95 12.92
C VAL A 122 12.17 -41.04 13.54
N ALA A 123 11.92 -42.13 12.80
CA ALA A 123 10.98 -43.14 13.28
C ALA A 123 11.39 -43.67 14.64
N LYS A 124 12.66 -44.02 14.81
CA LYS A 124 13.16 -44.60 16.06
C LYS A 124 13.96 -43.60 16.89
N PHE A 125 13.86 -42.30 16.60
CA PHE A 125 14.73 -41.32 17.23
C PHE A 125 13.94 -40.07 17.64
N GLY A 126 12.77 -40.26 18.25
CA GLY A 126 11.86 -39.16 18.52
C GLY A 126 12.45 -38.02 19.32
N VAL A 127 13.45 -38.31 20.14
CA VAL A 127 14.07 -37.28 20.96
C VAL A 127 14.59 -36.14 20.09
N ILE A 128 14.83 -36.42 18.81
CA ILE A 128 15.40 -35.44 17.91
C ILE A 128 14.52 -34.20 17.84
N PHE A 129 13.21 -34.38 17.92
CA PHE A 129 12.31 -33.24 17.85
C PHE A 129 12.63 -32.22 18.94
N PHE A 130 12.66 -32.69 20.19
CA PHE A 130 12.92 -31.78 21.29
C PHE A 130 14.35 -31.26 21.25
N LEU A 131 15.30 -32.09 20.81
CA LEU A 131 16.67 -31.61 20.67
C LEU A 131 16.72 -30.43 19.71
N TRP A 132 16.10 -30.57 18.54
CA TRP A 132 16.11 -29.49 17.56
C TRP A 132 15.36 -28.27 18.09
N HIS A 133 14.26 -28.49 18.80
CA HIS A 133 13.54 -27.36 19.39
C HIS A 133 14.45 -26.58 20.33
N ILE A 134 15.16 -27.28 21.21
CA ILE A 134 16.05 -26.61 22.14
C ILE A 134 17.11 -25.84 21.38
N VAL A 135 17.73 -26.47 20.38
CA VAL A 135 18.81 -25.82 19.66
C VAL A 135 18.29 -24.59 18.91
N SER A 136 17.08 -24.68 18.38
CA SER A 136 16.51 -23.59 17.59
C SER A 136 15.92 -22.49 18.46
N LYS A 137 15.82 -22.71 19.77
CA LYS A 137 15.42 -21.62 20.65
C LYS A 137 16.23 -20.35 20.40
N VAL A 138 17.43 -20.48 19.84
CA VAL A 138 18.21 -19.30 19.53
C VAL A 138 17.46 -18.39 18.57
N LEU A 139 16.73 -18.97 17.62
CA LEU A 139 15.98 -18.20 16.64
C LEU A 139 14.51 -18.04 17.02
N HIS A 140 13.81 -19.15 17.28
CA HIS A 140 12.36 -19.05 17.43
C HIS A 140 11.94 -18.44 18.77
N LEU A 141 12.83 -18.43 19.76
CA LEU A 141 12.59 -17.72 21.02
C LEU A 141 11.22 -18.05 21.59
N GLN A 142 10.91 -19.35 21.64
CA GLN A 142 9.64 -19.84 22.15
C GLN A 142 9.93 -20.75 23.34
N GLU A 143 9.34 -20.43 24.49
CA GLU A 143 9.71 -21.08 25.73
C GLU A 143 9.23 -22.52 25.76
N ILE A 144 10.00 -23.36 26.45
CA ILE A 144 9.71 -24.79 26.58
C ILE A 144 9.26 -25.06 28.01
N THR A 145 8.16 -25.79 28.15
CA THR A 145 7.68 -26.15 29.48
C THR A 145 8.71 -27.02 30.19
N ALA A 146 9.16 -26.55 31.35
CA ALA A 146 10.21 -27.25 32.08
C ALA A 146 9.72 -28.60 32.59
N ASN A 147 10.64 -29.55 32.70
CA ASN A 147 10.38 -30.88 33.24
C ASN A 147 9.38 -31.66 32.39
N SER A 148 9.12 -31.20 31.16
CA SER A 148 8.26 -31.95 30.26
C SER A 148 8.93 -33.27 29.86
N THR A 149 8.11 -34.28 29.60
CA THR A 149 8.65 -35.60 29.26
C THR A 149 9.66 -35.49 28.14
N GLY A 150 9.33 -34.77 27.07
CA GLY A 150 10.29 -34.57 26.00
C GLY A 150 11.54 -33.87 26.48
N SER A 151 11.38 -32.82 27.28
CA SER A 151 12.54 -32.10 27.80
C SER A 151 13.38 -33.02 28.68
N ARG A 152 12.74 -33.81 29.54
CA ARG A 152 13.48 -34.73 30.40
C ARG A 152 14.28 -35.72 29.58
N GLU A 153 13.64 -36.35 28.60
CA GLU A 153 14.35 -37.33 27.78
C GLU A 153 15.47 -36.69 26.99
N ALA A 154 15.23 -35.49 26.44
CA ALA A 154 16.27 -34.80 25.69
C ALA A 154 17.46 -34.47 26.59
N THR A 155 17.19 -34.01 27.81
CA THR A 155 18.28 -33.74 28.73
C THR A 155 19.06 -35.00 29.05
N ASP A 156 18.35 -36.12 29.25
CA ASP A 156 19.03 -37.38 29.50
C ASP A 156 19.93 -37.75 28.33
N PHE A 157 19.42 -37.63 27.11
CA PHE A 157 20.23 -37.97 25.94
C PHE A 157 21.44 -37.05 25.84
N ALA A 158 21.25 -35.74 26.05
CA ALA A 158 22.36 -34.82 25.98
C ALA A 158 23.42 -35.14 27.01
N ALA A 159 23.00 -35.54 28.22
CA ALA A 159 23.95 -36.00 29.22
C ALA A 159 24.66 -37.28 28.78
N SER A 160 23.96 -38.14 28.04
CA SER A 160 24.57 -39.41 27.64
C SER A 160 25.46 -39.26 26.42
N HIS A 161 24.90 -38.84 25.28
CA HIS A 161 25.64 -38.78 24.03
C HIS A 161 26.23 -37.38 23.83
N GLN A 162 27.27 -37.10 24.61
CA GLN A 162 27.89 -35.77 24.59
C GLN A 162 28.51 -35.46 23.24
N ASN A 163 29.08 -36.46 22.58
CA ASN A 163 29.82 -36.25 21.33
C ASN A 163 28.93 -36.29 20.10
N PHE A 164 27.62 -36.49 20.25
CA PHE A 164 26.71 -36.49 19.11
C PHE A 164 26.70 -35.12 18.45
N SER A 165 26.67 -35.11 17.11
CA SER A 165 26.71 -33.88 16.33
C SER A 165 25.34 -33.62 15.75
N ILE A 166 24.62 -32.67 16.35
CA ILE A 166 23.28 -32.34 15.87
C ILE A 166 23.34 -31.69 14.50
N VAL A 167 24.30 -30.79 14.28
CA VAL A 167 24.35 -30.06 13.03
C VAL A 167 24.55 -31.01 11.86
N GLU A 168 25.47 -31.97 11.98
CA GLU A 168 25.66 -32.94 10.93
C GLU A 168 24.37 -33.71 10.68
N PHE A 169 23.68 -34.10 11.75
CA PHE A 169 22.44 -34.85 11.60
C PHE A 169 21.41 -34.06 10.80
N ILE A 170 21.18 -32.81 11.18
CA ILE A 170 20.18 -32.01 10.49
C ILE A 170 20.58 -31.77 9.04
N ARG A 171 21.88 -31.60 8.79
CA ARG A 171 22.32 -31.42 7.41
C ARG A 171 22.04 -32.65 6.58
N ASN A 172 22.38 -33.83 7.10
CA ASN A 172 22.26 -35.05 6.30
C ASN A 172 20.82 -35.49 6.15
N LYS A 173 20.04 -35.45 7.23
CA LYS A 173 18.71 -36.05 7.25
C LYS A 173 17.60 -35.05 7.05
N GLY A 174 17.91 -33.78 6.81
CA GLY A 174 16.90 -32.77 6.61
C GLY A 174 16.35 -32.77 5.20
N PHE A 175 15.63 -31.69 4.87
CA PHE A 175 15.09 -31.53 3.54
C PHE A 175 16.22 -31.40 2.53
N TYR A 176 15.93 -31.70 1.28
CA TYR A 176 16.96 -31.69 0.24
C TYR A 176 16.33 -31.48 -1.12
N LEU A 177 17.04 -30.74 -1.98
CA LEU A 177 16.60 -30.49 -3.34
C LEU A 177 17.21 -31.53 -4.26
N ASN A 178 16.38 -32.12 -5.10
CA ASN A 178 16.82 -33.20 -5.99
C ASN A 178 15.78 -33.37 -7.08
N ASN A 179 16.21 -33.99 -8.18
CA ASN A 179 15.27 -34.29 -9.25
C ASN A 179 14.01 -34.97 -8.73
N SER A 180 14.11 -35.68 -7.61
CA SER A 180 12.93 -36.29 -7.01
C SER A 180 12.09 -35.30 -6.23
N THR A 181 12.60 -34.10 -5.99
CA THR A 181 11.88 -33.11 -5.20
C THR A 181 11.51 -31.87 -5.98
N LEU A 182 12.43 -31.32 -6.76
CA LEU A 182 12.17 -30.13 -7.58
C LEU A 182 11.91 -30.60 -9.00
N LEU A 183 10.65 -30.96 -9.28
CA LEU A 183 10.32 -31.56 -10.57
C LEU A 183 10.59 -30.60 -11.72
N ASP A 184 10.27 -29.32 -11.57
CA ASP A 184 10.46 -28.36 -12.64
C ASP A 184 10.74 -26.99 -12.06
N CYS A 185 11.43 -26.16 -12.83
CA CYS A 185 11.74 -24.81 -12.41
C CYS A 185 12.29 -24.04 -13.60
N GLU A 186 11.81 -22.81 -13.79
CA GLU A 186 12.26 -21.96 -14.88
C GLU A 186 12.34 -20.52 -14.38
N PHE A 187 13.17 -19.73 -15.05
CA PHE A 187 13.45 -18.37 -14.61
C PHE A 187 13.55 -17.48 -15.84
N PHE A 188 12.56 -16.60 -16.02
CA PHE A 188 12.51 -15.73 -17.19
C PHE A 188 12.67 -16.53 -18.48
N GLY A 189 12.02 -17.70 -18.53
CA GLY A 189 12.05 -18.53 -19.70
C GLY A 189 13.27 -19.41 -19.83
N LYS A 190 14.21 -19.33 -18.91
CA LYS A 190 15.41 -20.17 -18.97
C LYS A 190 15.29 -21.31 -17.96
N PRO A 191 15.48 -22.56 -18.36
CA PRO A 191 15.43 -23.65 -17.38
C PRO A 191 16.52 -23.49 -16.32
N CYS A 192 16.20 -23.94 -15.12
CA CYS A 192 17.14 -23.92 -14.01
C CYS A 192 17.15 -25.28 -13.34
N SER A 193 18.23 -25.58 -12.65
CA SER A 193 18.49 -26.90 -12.09
C SER A 193 18.76 -26.78 -10.61
N PRO A 194 18.57 -27.86 -9.85
CA PRO A 194 18.83 -27.79 -8.41
C PRO A 194 20.19 -27.22 -8.07
N LYS A 195 21.18 -27.42 -8.94
CA LYS A 195 22.53 -26.91 -8.67
C LYS A 195 22.55 -25.39 -8.55
N ASP A 196 21.52 -24.71 -9.05
CA ASP A 196 21.50 -23.25 -8.97
C ASP A 196 21.17 -22.73 -7.59
N PHE A 197 20.56 -23.54 -6.73
CA PHE A 197 20.22 -23.10 -5.39
C PHE A 197 21.43 -23.19 -4.46
N ALA A 198 21.32 -22.53 -3.31
CA ALA A 198 22.35 -22.55 -2.28
C ALA A 198 21.75 -22.91 -0.95
N HIS A 199 22.52 -23.63 -0.14
CA HIS A 199 22.04 -24.15 1.13
C HIS A 199 22.04 -23.07 2.21
N VAL A 200 21.08 -23.17 3.12
CA VAL A 200 20.96 -22.25 4.23
C VAL A 200 20.30 -22.97 5.39
N PHE A 201 20.70 -22.60 6.61
CA PHE A 201 20.14 -23.17 7.83
C PHE A 201 19.15 -22.22 8.46
N THR A 202 17.97 -22.74 8.80
CA THR A 202 16.95 -21.98 9.52
C THR A 202 16.23 -22.93 10.47
N GLU A 203 15.30 -22.38 11.24
CA GLU A 203 14.58 -23.18 12.22
C GLU A 203 13.86 -24.35 11.57
N TYR A 204 13.50 -24.24 10.29
CA TYR A 204 12.87 -25.34 9.57
C TYR A 204 13.88 -26.33 9.00
N GLY A 205 15.12 -26.28 9.44
CA GLY A 205 16.12 -27.21 8.94
C GLY A 205 16.76 -26.67 7.69
N ASN A 206 17.04 -27.56 6.75
CA ASN A 206 17.65 -27.15 5.49
C ASN A 206 16.72 -26.21 4.73
N CYS A 207 17.29 -25.12 4.22
CA CYS A 207 16.55 -24.20 3.38
C CYS A 207 17.45 -23.78 2.22
N PHE A 208 16.81 -23.50 1.08
CA PHE A 208 17.53 -23.26 -0.16
C PHE A 208 17.16 -21.90 -0.71
N THR A 209 18.16 -21.15 -1.15
CA THR A 209 17.95 -19.84 -1.75
C THR A 209 18.08 -19.91 -3.26
N PHE A 210 17.62 -18.85 -3.92
CA PHE A 210 17.69 -18.75 -5.37
C PHE A 210 18.12 -17.36 -5.77
N ASN A 211 18.94 -17.28 -6.82
CA ASN A 211 19.48 -16.01 -7.30
C ASN A 211 20.33 -15.33 -6.24
N HIS A 212 20.88 -16.10 -5.32
CA HIS A 212 21.73 -15.56 -4.27
C HIS A 212 22.92 -14.83 -4.88
N GLY A 213 23.61 -14.06 -4.04
CA GLY A 213 24.77 -13.31 -4.47
C GLY A 213 25.89 -14.20 -4.98
N VAL A 224 11.97 -6.60 -16.44
CA VAL A 224 10.92 -6.79 -17.44
C VAL A 224 9.64 -7.24 -16.74
N SER A 225 8.51 -6.79 -17.26
CA SER A 225 7.22 -7.07 -16.63
C SER A 225 6.72 -8.46 -16.99
N GLY A 226 5.81 -8.96 -16.16
CA GLY A 226 5.14 -10.23 -16.43
C GLY A 226 5.99 -11.44 -16.15
N ARG A 227 7.14 -11.53 -16.80
CA ARG A 227 7.99 -12.70 -16.65
C ARG A 227 8.53 -12.79 -15.22
N GLY A 228 8.85 -14.02 -14.82
CA GLY A 228 9.35 -14.25 -13.48
C GLY A 228 9.77 -15.67 -13.20
N LEU A 229 9.70 -16.08 -11.95
CA LEU A 229 10.16 -17.39 -11.50
C LEU A 229 8.98 -18.35 -11.39
N SER A 230 9.20 -19.59 -11.83
CA SER A 230 8.19 -20.63 -11.77
C SER A 230 8.80 -21.89 -11.18
N LEU A 231 8.02 -22.61 -10.38
CA LEU A 231 8.52 -23.80 -9.69
C LEU A 231 7.41 -24.82 -9.55
N LEU A 232 7.80 -26.06 -9.31
CA LEU A 232 6.87 -27.16 -9.07
C LEU A 232 7.53 -28.15 -8.11
N PHE A 233 7.25 -28.00 -6.82
CA PHE A 233 7.84 -28.85 -5.81
C PHE A 233 7.09 -30.16 -5.65
N ASN A 234 7.78 -31.16 -5.12
CA ASN A 234 7.17 -32.41 -4.70
C ASN A 234 7.45 -32.59 -3.23
N VAL A 235 6.55 -32.08 -2.38
CA VAL A 235 6.78 -32.13 -0.94
C VAL A 235 6.94 -33.55 -0.43
N ASN A 236 6.47 -34.54 -1.19
CA ASN A 236 6.65 -35.94 -0.83
C ASN A 236 6.25 -36.18 0.63
N GLN A 237 4.98 -35.89 0.91
CA GLN A 237 4.50 -35.90 2.28
C GLN A 237 4.66 -37.26 2.95
N GLU A 238 4.77 -38.34 2.18
CA GLU A 238 5.01 -39.64 2.77
C GLU A 238 6.45 -39.82 3.23
N ALA A 239 7.42 -39.21 2.56
CA ALA A 239 8.83 -39.39 2.88
C ALA A 239 9.31 -38.48 4.00
N PHE A 240 8.80 -37.25 4.06
CA PHE A 240 9.14 -36.31 5.13
C PHE A 240 8.02 -36.31 6.16
N THR A 241 8.38 -35.97 7.40
CA THR A 241 7.40 -35.98 8.48
C THR A 241 7.83 -34.98 9.54
N ASP A 242 6.94 -34.75 10.50
CA ASP A 242 7.21 -33.82 11.59
C ASP A 242 6.32 -34.16 12.78
N ASN A 243 6.68 -33.61 13.93
CA ASN A 243 5.91 -33.83 15.15
C ASN A 243 4.66 -32.97 15.15
N PRO A 244 3.46 -33.55 15.24
CA PRO A 244 2.27 -32.71 15.38
C PRO A 244 2.10 -32.15 16.78
N ALA A 245 2.49 -32.91 17.82
CA ALA A 245 2.31 -32.43 19.18
C ALA A 245 3.01 -31.10 19.41
N LEU A 246 4.04 -30.80 18.64
CA LEU A 246 4.71 -29.51 18.73
C LEU A 246 4.01 -28.44 17.91
N GLY A 247 2.91 -28.77 17.23
CA GLY A 247 2.15 -27.79 16.49
C GLY A 247 2.40 -27.79 14.99
N PHE A 248 3.45 -28.45 14.52
CA PHE A 248 3.76 -28.49 13.09
C PHE A 248 2.79 -29.42 12.37
N VAL A 249 1.56 -28.92 12.20
CA VAL A 249 0.49 -29.76 11.68
C VAL A 249 0.28 -29.54 10.19
N ASP A 250 0.51 -28.33 9.70
CA ASP A 250 0.22 -27.99 8.32
C ASP A 250 1.28 -28.56 7.38
N ALA A 251 0.88 -28.77 6.14
CA ALA A 251 1.77 -29.22 5.08
C ALA A 251 1.76 -28.20 3.94
N GLY A 252 2.90 -28.03 3.30
CA GLY A 252 3.04 -27.05 2.25
C GLY A 252 4.43 -26.45 2.27
N ILE A 253 4.63 -25.47 1.40
CA ILE A 253 5.93 -24.83 1.20
C ILE A 253 5.89 -23.44 1.81
N ILE A 254 6.92 -23.10 2.58
CA ILE A 254 7.06 -21.80 3.21
C ILE A 254 8.27 -21.11 2.59
N PHE A 255 8.08 -19.88 2.13
CA PHE A 255 9.16 -19.16 1.46
C PHE A 255 9.07 -17.69 1.85
N VAL A 256 10.20 -17.00 1.71
CA VAL A 256 10.30 -15.57 2.01
C VAL A 256 11.12 -14.89 0.94
N ILE A 257 10.82 -13.62 0.71
CA ILE A 257 11.48 -12.82 -0.32
C ILE A 257 12.35 -11.78 0.38
N HIS A 258 13.60 -11.67 -0.06
CA HIS A 258 14.54 -10.75 0.56
C HIS A 258 15.59 -10.35 -0.46
N SER A 259 16.23 -9.21 -0.20
CA SER A 259 17.29 -8.77 -1.07
C SER A 259 18.48 -9.73 -0.96
N PRO A 260 19.26 -9.91 -2.03
CA PRO A 260 20.33 -10.92 -1.97
C PRO A 260 21.31 -10.70 -0.83
N LYS A 261 21.63 -9.46 -0.50
CA LYS A 261 22.59 -9.21 0.57
C LYS A 261 22.07 -9.71 1.91
N LYS A 262 20.76 -9.81 2.07
CA LYS A 262 20.17 -10.11 3.36
C LYS A 262 20.30 -11.58 3.71
N VAL A 263 19.95 -11.90 4.96
CA VAL A 263 19.78 -13.26 5.43
C VAL A 263 18.31 -13.45 5.71
N PRO A 264 17.68 -14.55 5.27
CA PRO A 264 16.24 -14.70 5.49
C PRO A 264 15.89 -14.76 6.96
N GLN A 265 14.67 -14.34 7.28
CA GLN A 265 14.23 -14.22 8.66
C GLN A 265 13.20 -15.26 9.07
N PHE A 266 12.16 -15.49 8.26
CA PHE A 266 11.08 -16.38 8.64
C PHE A 266 10.50 -15.95 9.99
N ASP A 267 10.56 -16.80 11.01
CA ASP A 267 10.04 -16.50 12.32
C ASP A 267 8.58 -16.04 12.22
N GLY A 268 7.83 -16.71 11.35
CA GLY A 268 6.44 -16.39 11.14
C GLY A 268 6.17 -15.28 10.16
N LEU A 269 7.19 -14.62 9.63
CA LEU A 269 6.99 -13.59 8.63
C LEU A 269 7.07 -14.12 7.20
N GLY A 270 7.34 -15.41 7.03
CA GLY A 270 7.41 -15.96 5.69
C GLY A 270 6.03 -16.29 5.15
N LEU A 271 5.92 -16.26 3.83
CA LEU A 271 4.65 -16.59 3.18
C LEU A 271 4.48 -18.09 3.11
N LEU A 272 3.32 -18.52 2.63
CA LEU A 272 2.98 -19.93 2.55
C LEU A 272 2.35 -20.25 1.20
N SER A 273 2.23 -21.54 0.92
CA SER A 273 1.54 -22.02 -0.27
C SER A 273 1.06 -23.44 -0.01
N PRO A 274 -0.19 -23.74 -0.31
CA PRO A 274 -0.76 -25.04 0.06
C PRO A 274 -0.47 -26.11 -0.99
N VAL A 275 -0.82 -27.34 -0.63
CA VAL A 275 -0.65 -28.48 -1.53
C VAL A 275 -1.85 -28.59 -2.45
N GLY A 276 -1.59 -28.87 -3.72
CA GLY A 276 -2.66 -29.07 -4.67
C GLY A 276 -3.24 -27.82 -5.25
N MET A 277 -2.58 -26.67 -5.10
CA MET A 277 -3.06 -25.41 -5.66
C MET A 277 -1.91 -24.62 -6.23
N HIS A 278 -2.11 -24.09 -7.43
CA HIS A 278 -1.12 -23.25 -8.09
C HIS A 278 -1.24 -21.83 -7.55
N ALA A 279 -0.19 -21.34 -6.90
CA ALA A 279 -0.21 -20.03 -6.28
C ALA A 279 0.57 -19.04 -7.14
N ARG A 280 -0.07 -17.92 -7.48
CA ARG A 280 0.56 -16.85 -8.23
C ARG A 280 0.84 -15.70 -7.27
N VAL A 281 2.09 -15.25 -7.24
CA VAL A 281 2.52 -14.18 -6.34
C VAL A 281 3.08 -13.05 -7.18
N THR A 282 2.59 -11.84 -6.95
CA THR A 282 3.06 -10.65 -7.62
C THR A 282 3.70 -9.71 -6.61
N ILE A 283 4.87 -9.17 -6.95
CA ILE A 283 5.64 -8.35 -6.03
C ILE A 283 6.08 -7.07 -6.73
N ARG A 284 6.39 -6.06 -5.93
CA ARG A 284 6.94 -4.81 -6.42
C ARG A 284 7.93 -4.27 -5.41
N GLN A 285 9.10 -3.86 -5.90
CA GLN A 285 10.18 -3.41 -5.02
C GLN A 285 9.82 -2.09 -4.37
N VAL A 286 10.08 -1.98 -3.07
CA VAL A 286 9.81 -0.76 -2.31
C VAL A 286 11.07 -0.43 -1.52
N LYS A 287 11.55 0.80 -1.68
CA LYS A 287 12.75 1.29 -1.00
C LYS A 287 12.37 2.47 -0.12
N THR A 288 12.97 2.54 1.05
CA THR A 288 12.77 3.66 1.98
C THR A 288 14.10 4.18 2.45
N VAL A 289 14.16 5.49 2.72
CA VAL A 289 15.38 6.16 3.16
C VAL A 289 15.05 6.96 4.40
N HIS A 290 15.92 6.87 5.41
CA HIS A 290 15.73 7.57 6.67
C HIS A 290 16.87 8.55 6.91
N GLN A 291 16.58 9.59 7.67
CA GLN A 291 17.59 10.58 8.03
C GLN A 291 18.25 10.19 9.34
N GLU A 292 19.39 10.83 9.60
CA GLU A 292 20.16 10.51 10.80
C GLU A 292 19.37 10.88 12.05
N TYR A 293 19.88 10.42 13.20
CA TYR A 293 19.17 10.56 14.46
C TYR A 293 18.75 12.00 14.73
N PRO A 294 19.64 12.98 14.55
CA PRO A 294 19.22 14.36 14.84
C PRO A 294 17.96 14.77 14.09
N TRP A 295 17.76 14.28 12.89
CA TRP A 295 16.50 14.47 12.16
C TRP A 295 15.65 13.23 12.11
N GLY A 296 16.19 12.12 11.61
CA GLY A 296 15.46 10.86 11.55
C GLY A 296 15.86 9.92 12.66
N GLU A 297 16.12 8.66 12.31
CA GLU A 297 16.48 7.65 13.30
C GLU A 297 17.72 6.85 12.95
N CYS A 298 18.25 6.96 11.74
CA CYS A 298 19.40 6.16 11.36
C CYS A 298 20.66 6.64 12.07
N ASN A 299 21.60 5.70 12.26
CA ASN A 299 22.92 6.00 12.80
C ASN A 299 23.93 5.33 11.88
N PRO A 300 24.31 5.98 10.78
CA PRO A 300 25.13 5.30 9.77
C PRO A 300 26.47 4.82 10.28
N ASN A 301 26.97 5.37 11.38
CA ASN A 301 28.33 5.08 11.82
C ASN A 301 28.49 3.66 12.37
N ILE A 302 27.41 3.00 12.75
CA ILE A 302 27.51 1.66 13.30
C ILE A 302 27.78 0.66 12.18
N LYS A 303 28.72 -0.25 12.43
CA LYS A 303 29.12 -1.25 11.44
C LYS A 303 29.14 -2.62 12.11
N LEU A 304 28.66 -3.62 11.38
CA LEU A 304 28.63 -4.98 11.89
C LEU A 304 30.00 -5.63 11.80
N GLN A 305 30.24 -6.62 12.65
CA GLN A 305 31.51 -7.35 12.65
C GLN A 305 31.76 -8.07 11.33
N ASN A 306 30.71 -8.54 10.66
CA ASN A 306 30.87 -9.04 9.30
C ASN A 306 31.17 -7.93 8.31
N PHE A 307 30.90 -6.68 8.68
CA PHE A 307 31.22 -5.51 7.87
C PHE A 307 30.43 -5.48 6.57
N SER A 308 29.37 -6.27 6.48
CA SER A 308 28.53 -6.29 5.28
C SER A 308 27.52 -5.14 5.33
N SER A 309 28.02 -3.91 5.38
CA SER A 309 27.18 -2.72 5.49
C SER A 309 26.40 -2.84 6.79
N TYR A 310 25.07 -2.79 6.78
CA TYR A 310 24.30 -2.88 8.01
C TYR A 310 22.91 -3.40 7.71
N SER A 311 22.31 -4.05 8.69
CA SER A 311 20.95 -4.57 8.57
C SER A 311 20.44 -4.91 9.96
N THR A 312 19.21 -4.47 10.25
CA THR A 312 18.68 -4.58 11.59
C THR A 312 18.76 -6.01 12.12
N SER A 313 18.27 -6.97 11.35
CA SER A 313 18.31 -8.35 11.80
C SER A 313 19.75 -8.81 12.00
N GLY A 314 20.66 -8.40 11.12
CA GLY A 314 22.06 -8.70 11.33
C GLY A 314 22.58 -8.10 12.64
N CYS A 315 22.14 -6.88 12.95
CA CYS A 315 22.54 -6.27 14.22
C CYS A 315 22.05 -7.11 15.39
N LEU A 316 20.79 -7.56 15.34
CA LEU A 316 20.29 -8.40 16.42
C LEU A 316 21.08 -9.69 16.55
N LYS A 317 21.37 -10.33 15.42
CA LYS A 317 22.14 -11.57 15.45
C LYS A 317 23.50 -11.34 16.09
N GLU A 318 24.19 -10.28 15.65
CA GLU A 318 25.52 -10.00 16.18
C GLU A 318 25.46 -9.69 17.67
N CYS A 319 24.45 -8.93 18.09
CA CYS A 319 24.32 -8.61 19.51
C CYS A 319 24.13 -9.87 20.34
N LYS A 320 23.24 -10.77 19.89
CA LYS A 320 23.02 -12.00 20.63
C LYS A 320 24.29 -12.85 20.67
N ALA A 321 25.01 -12.93 19.55
CA ALA A 321 26.25 -13.69 19.53
C ALA A 321 27.24 -13.11 20.53
N GLN A 322 27.37 -11.78 20.54
CA GLN A 322 28.30 -11.14 21.46
C GLN A 322 27.93 -11.43 22.90
N HIS A 323 26.64 -11.32 23.24
CA HIS A 323 26.22 -11.59 24.61
C HIS A 323 26.52 -13.03 24.99
N ILE A 324 26.17 -13.98 24.11
CA ILE A 324 26.35 -15.39 24.47
C ILE A 324 27.82 -15.73 24.62
N LYS A 325 28.67 -15.20 23.73
CA LYS A 325 30.09 -15.54 23.79
C LYS A 325 30.69 -15.22 25.15
N LYS A 326 30.17 -14.21 25.85
CA LYS A 326 30.68 -13.90 27.18
C LYS A 326 30.37 -15.03 28.16
N GLN A 327 29.15 -15.54 28.13
CA GLN A 327 28.73 -16.56 29.09
C GLN A 327 29.16 -17.96 28.68
N CYS A 328 29.62 -18.15 27.44
CA CYS A 328 30.09 -19.45 27.00
C CYS A 328 31.14 -19.24 25.91
N GLY A 329 32.11 -20.14 25.87
CA GLY A 329 33.18 -20.03 24.90
C GLY A 329 32.80 -20.42 23.49
N CYS A 330 31.57 -20.88 23.28
CA CYS A 330 31.13 -21.33 21.97
C CYS A 330 29.85 -20.58 21.60
N VAL A 331 29.58 -20.51 20.31
CA VAL A 331 28.44 -19.78 19.76
C VAL A 331 27.57 -20.79 19.02
N PRO A 332 26.25 -20.75 19.16
CA PRO A 332 25.40 -21.66 18.39
C PRO A 332 25.62 -21.49 16.90
N PHE A 333 25.64 -22.61 16.19
CA PHE A 333 26.01 -22.57 14.77
C PHE A 333 24.98 -21.84 13.92
N LEU A 334 23.73 -21.76 14.38
CA LEU A 334 22.74 -21.02 13.61
C LEU A 334 23.14 -19.57 13.39
N LEU A 335 23.98 -19.02 14.28
CA LEU A 335 24.61 -17.73 14.03
C LEU A 335 25.87 -18.00 13.22
N PRO A 336 26.02 -17.44 12.01
CA PRO A 336 26.91 -18.07 11.02
C PRO A 336 28.35 -18.30 11.45
N GLY A 337 29.10 -17.24 11.75
CA GLY A 337 30.56 -17.37 11.87
C GLY A 337 31.16 -16.58 13.02
N TYR A 338 30.57 -16.63 14.21
CA TYR A 338 31.09 -15.84 15.32
C TYR A 338 32.05 -16.59 16.22
N GLY A 339 32.29 -17.87 15.98
CA GLY A 339 33.23 -18.61 16.79
C GLY A 339 32.97 -20.10 16.75
N ILE A 340 33.33 -20.77 17.84
CA ILE A 340 33.22 -22.22 17.93
C ILE A 340 31.78 -22.61 18.20
N GLU A 341 31.37 -23.75 17.64
CA GLU A 341 30.04 -24.28 17.92
C GLU A 341 30.05 -25.03 19.25
N CYS A 342 29.01 -24.80 20.04
CA CYS A 342 28.97 -25.35 21.39
C CYS A 342 28.62 -26.83 21.37
N ASP A 343 29.16 -27.57 22.33
CA ASP A 343 28.76 -28.95 22.52
C ASP A 343 27.30 -29.01 22.94
N LEU A 344 26.64 -30.12 22.61
CA LEU A 344 25.20 -30.20 22.80
C LEU A 344 24.77 -29.81 24.20
N GLN A 345 25.47 -30.32 25.21
CA GLN A 345 25.08 -30.04 26.59
C GLN A 345 25.08 -28.55 26.89
N LYS A 346 25.97 -27.80 26.25
CA LYS A 346 26.05 -26.37 26.54
C LYS A 346 24.76 -25.65 26.19
N TYR A 347 23.99 -26.19 25.25
CA TYR A 347 22.71 -25.57 24.91
C TYR A 347 21.80 -25.51 26.14
N PHE A 348 21.72 -26.61 26.87
CA PHE A 348 20.93 -26.63 28.10
C PHE A 348 21.64 -25.88 29.22
N SER A 349 22.96 -26.06 29.32
CA SER A 349 23.70 -25.51 30.45
C SER A 349 23.65 -23.99 30.47
N CYS A 350 24.00 -23.36 29.35
CA CYS A 350 24.19 -21.90 29.34
C CYS A 350 23.24 -21.20 28.38
N VAL A 351 23.11 -21.74 27.16
CA VAL A 351 22.46 -20.99 26.09
C VAL A 351 21.04 -20.60 26.48
N SER A 352 20.18 -21.60 26.69
CA SER A 352 18.77 -21.29 26.94
C SER A 352 18.57 -20.35 28.12
N PRO A 353 19.20 -20.56 29.27
CA PRO A 353 19.11 -19.56 30.35
C PRO A 353 19.57 -18.19 29.91
N VAL A 354 20.60 -18.12 29.08
CA VAL A 354 21.11 -16.83 28.64
C VAL A 354 20.08 -16.13 27.77
N LEU A 355 19.43 -16.86 26.87
CA LEU A 355 18.38 -16.25 26.06
C LEU A 355 17.22 -15.78 26.92
N ASP A 356 16.84 -16.60 27.90
CA ASP A 356 15.78 -16.19 28.82
C ASP A 356 16.13 -14.88 29.50
N HIS A 357 17.36 -14.79 30.01
CA HIS A 357 17.80 -13.56 30.66
C HIS A 357 17.82 -12.39 29.70
N ILE A 358 18.30 -12.62 28.47
CA ILE A 358 18.36 -11.54 27.48
C ILE A 358 16.97 -10.97 27.25
N GLU A 359 15.99 -11.84 27.00
CA GLU A 359 14.63 -11.36 26.80
C GLU A 359 14.08 -10.69 28.06
N PHE A 360 14.37 -11.26 29.22
CA PHE A 360 13.84 -10.75 30.47
C PHE A 360 14.41 -9.37 30.82
N LYS A 361 15.59 -9.04 30.30
CA LYS A 361 16.22 -7.75 30.57
C LYS A 361 16.31 -6.86 29.34
N ASP A 362 15.77 -7.30 28.21
CA ASP A 362 15.72 -6.47 27.00
C ASP A 362 17.10 -5.95 26.64
N LEU A 363 18.11 -6.78 26.84
CA LEU A 363 19.48 -6.38 26.53
C LEU A 363 19.70 -6.15 25.04
N CYS A 364 18.79 -6.61 24.19
CA CYS A 364 18.85 -6.36 22.76
C CYS A 364 17.53 -5.75 22.32
N THR A 365 17.60 -4.67 21.55
CA THR A 365 16.40 -3.95 21.13
C THR A 365 16.63 -3.36 19.75
N VAL A 366 15.52 -3.02 19.08
CA VAL A 366 15.56 -2.40 17.76
C VAL A 366 14.58 -1.23 17.75
N GLY A 367 14.83 -0.30 16.84
CA GLY A 367 13.98 0.86 16.69
C GLY A 367 14.75 2.16 16.66
N THR A 368 14.43 3.06 17.58
CA THR A 368 15.09 4.36 17.62
C THR A 368 16.58 4.19 17.94
N HIS A 369 17.32 5.29 17.78
CA HIS A 369 18.75 5.25 18.05
C HIS A 369 19.05 4.79 19.47
N ASN A 370 18.15 5.03 20.42
CA ASN A 370 18.35 4.55 21.78
C ASN A 370 18.40 3.03 21.84
N SER A 371 17.79 2.35 20.88
CA SER A 371 17.79 0.90 20.87
C SER A 371 19.15 0.35 20.45
N SER A 372 19.40 -0.90 20.82
CA SER A 372 20.70 -1.51 20.53
C SER A 372 20.95 -1.62 19.03
N CYS A 373 19.92 -1.96 18.25
CA CYS A 373 20.04 -2.14 16.81
C CYS A 373 19.09 -1.16 16.14
N PRO A 374 19.52 0.07 15.88
CA PRO A 374 18.63 1.07 15.29
C PRO A 374 18.29 0.75 13.85
N VAL A 375 17.28 1.46 13.34
CA VAL A 375 16.83 1.25 11.97
C VAL A 375 17.97 1.52 11.00
N SER A 376 17.96 0.81 9.87
CA SER A 376 18.97 0.97 8.85
C SER A 376 18.74 2.25 8.06
N CYS A 377 19.82 2.78 7.49
CA CYS A 377 19.71 3.95 6.63
C CYS A 377 18.86 3.64 5.40
N GLU A 378 19.15 2.54 4.72
CA GLU A 378 18.43 2.12 3.53
C GLU A 378 17.85 0.74 3.76
N GLU A 379 16.62 0.54 3.30
CA GLU A 379 15.93 -0.74 3.46
C GLU A 379 15.21 -1.06 2.17
N ILE A 380 15.03 -2.36 1.91
CA ILE A 380 14.29 -2.86 0.75
C ILE A 380 13.25 -3.85 1.24
N GLU A 381 12.00 -3.62 0.85
CA GLU A 381 10.91 -4.55 1.12
C GLU A 381 10.27 -4.97 -0.19
N TYR A 382 9.63 -6.14 -0.18
CA TYR A 382 8.97 -6.69 -1.37
C TYR A 382 7.57 -7.13 -0.97
N PRO A 383 6.62 -6.19 -0.84
CA PRO A 383 5.24 -6.57 -0.58
C PRO A 383 4.70 -7.46 -1.68
N ALA A 384 3.84 -8.41 -1.29
CA ALA A 384 3.35 -9.41 -2.23
C ALA A 384 1.85 -9.59 -2.06
N THR A 385 1.18 -9.85 -3.18
CA THR A 385 -0.22 -10.24 -3.20
C THR A 385 -0.33 -11.61 -3.86
N ILE A 386 -1.32 -12.39 -3.46
CA ILE A 386 -1.39 -13.80 -3.81
C ILE A 386 -2.78 -14.12 -4.34
N SER A 387 -2.83 -15.07 -5.28
CA SER A 387 -4.08 -15.64 -5.77
C SER A 387 -3.80 -17.08 -6.16
N TYR A 388 -4.86 -17.89 -6.22
CA TYR A 388 -4.70 -19.33 -6.33
C TYR A 388 -5.58 -19.92 -7.41
N SER A 389 -5.17 -21.11 -7.88
CA SER A 389 -5.93 -21.92 -8.81
C SER A 389 -5.70 -23.39 -8.50
N SER A 390 -6.73 -24.20 -8.69
CA SER A 390 -6.59 -25.63 -8.45
C SER A 390 -5.54 -26.20 -9.39
N PHE A 391 -4.48 -26.79 -8.81
CA PHE A 391 -3.30 -27.12 -9.63
C PHE A 391 -3.56 -28.27 -10.57
N PRO A 392 -3.82 -29.49 -10.10
CA PRO A 392 -4.03 -30.58 -11.06
C PRO A 392 -5.42 -30.54 -11.67
N SER A 393 -5.50 -30.16 -12.94
CA SER A 393 -6.76 -30.25 -13.66
C SER A 393 -7.01 -31.68 -14.09
N GLN A 394 -8.29 -32.03 -14.23
CA GLN A 394 -8.65 -33.40 -14.58
C GLN A 394 -7.87 -33.87 -15.80
N LYS A 395 -7.76 -33.01 -16.82
CA LYS A 395 -6.99 -33.39 -18.00
C LYS A 395 -5.51 -33.53 -17.67
N ALA A 396 -4.95 -32.61 -16.88
CA ALA A 396 -3.53 -32.66 -16.57
C ALA A 396 -3.22 -33.71 -15.50
N LEU A 397 -4.22 -34.11 -14.72
CA LEU A 397 -3.97 -35.04 -13.63
C LEU A 397 -3.46 -36.37 -14.15
N LYS A 398 -4.14 -36.93 -15.15
CA LYS A 398 -3.69 -38.21 -15.73
C LYS A 398 -2.34 -38.07 -16.39
N TYR A 399 -2.09 -36.96 -17.07
CA TYR A 399 -0.80 -36.75 -17.70
C TYR A 399 0.32 -36.77 -16.67
N LEU A 400 0.15 -36.04 -15.57
CA LEU A 400 1.18 -36.03 -14.53
C LEU A 400 1.32 -37.40 -13.90
N SER A 401 0.20 -38.10 -13.68
CA SER A 401 0.28 -39.43 -13.10
C SER A 401 1.10 -40.36 -13.97
N LYS A 402 0.87 -40.33 -15.28
CA LYS A 402 1.69 -41.14 -16.18
C LYS A 402 3.14 -40.70 -16.15
N LYS A 403 3.38 -39.39 -16.08
CA LYS A 403 4.75 -38.89 -16.10
C LYS A 403 5.52 -39.38 -14.88
N LEU A 404 4.90 -39.38 -13.71
CA LEU A 404 5.58 -39.72 -12.46
C LEU A 404 5.28 -41.13 -11.96
N ASN A 405 4.49 -41.90 -12.70
CA ASN A 405 4.19 -43.29 -12.31
C ASN A 405 3.68 -43.36 -10.88
N GLN A 406 2.77 -42.44 -10.54
CA GLN A 406 2.23 -42.35 -9.20
C GLN A 406 0.73 -42.18 -9.25
N SER A 407 0.06 -42.60 -8.17
CA SER A 407 -1.38 -42.58 -8.13
C SER A 407 -1.93 -41.17 -8.16
N ARG A 408 -3.14 -41.03 -8.68
CA ARG A 408 -3.79 -39.73 -8.75
C ARG A 408 -3.95 -39.10 -7.38
N LYS A 409 -4.21 -39.90 -6.36
CA LYS A 409 -4.31 -39.38 -4.99
C LYS A 409 -2.99 -38.72 -4.58
N TYR A 410 -1.88 -39.37 -4.90
CA TYR A 410 -0.57 -38.82 -4.56
C TYR A 410 -0.38 -37.44 -5.17
N ILE A 411 -0.79 -37.28 -6.42
CA ILE A 411 -0.58 -36.01 -7.12
C ILE A 411 -1.31 -34.89 -6.40
N ARG A 412 -2.57 -35.13 -6.01
CA ARG A 412 -3.31 -34.10 -5.29
C ARG A 412 -2.72 -33.84 -3.91
N GLU A 413 -2.19 -34.88 -3.26
CA GLU A 413 -1.78 -34.76 -1.88
C GLU A 413 -0.30 -34.40 -1.70
N ASN A 414 0.45 -34.21 -2.77
CA ASN A 414 1.89 -33.99 -2.62
C ASN A 414 2.46 -32.81 -3.39
N LEU A 415 1.88 -32.38 -4.51
CA LEU A 415 2.54 -31.43 -5.39
C LEU A 415 2.16 -29.99 -5.08
N VAL A 416 3.10 -29.08 -5.29
CA VAL A 416 2.91 -27.65 -5.08
C VAL A 416 3.52 -26.91 -6.25
N LYS A 417 2.80 -25.92 -6.77
CA LYS A 417 3.26 -25.10 -7.88
C LYS A 417 3.22 -23.63 -7.47
N ILE A 418 4.32 -22.91 -7.72
CA ILE A 418 4.46 -21.52 -7.34
C ILE A 418 4.94 -20.73 -8.54
N GLU A 419 4.55 -19.45 -8.59
CA GLU A 419 5.01 -18.54 -9.64
C GLU A 419 5.11 -17.15 -9.05
N ILE A 420 6.26 -16.50 -9.23
CA ILE A 420 6.52 -15.17 -8.70
C ILE A 420 6.88 -14.28 -9.88
N ASN A 421 6.18 -13.14 -9.99
CA ASN A 421 6.37 -12.22 -11.10
C ASN A 421 6.43 -10.79 -10.59
N TYR A 422 7.19 -9.95 -11.29
CA TYR A 422 7.15 -8.52 -11.04
C TYR A 422 5.84 -7.94 -11.58
N SER A 423 5.32 -6.94 -10.87
CA SER A 423 4.13 -6.27 -11.34
C SER A 423 4.46 -5.39 -12.55
N ASP A 424 3.42 -4.83 -13.15
CA ASP A 424 3.63 -3.98 -14.32
C ASP A 424 4.31 -2.66 -13.95
N LEU A 425 4.11 -2.18 -12.72
CA LEU A 425 4.85 -1.03 -12.20
C LEU A 425 6.06 -1.59 -11.45
N ASN A 426 7.25 -1.16 -11.86
CA ASN A 426 8.47 -1.80 -11.37
C ASN A 426 8.82 -1.33 -9.96
N TYR A 427 9.04 -0.02 -9.80
CA TYR A 427 9.84 0.47 -8.68
C TYR A 427 9.09 1.59 -7.97
N LYS A 428 9.28 1.68 -6.66
CA LYS A 428 8.73 2.75 -5.86
C LYS A 428 9.67 3.01 -4.70
N ILE A 429 9.92 4.28 -4.41
CA ILE A 429 10.87 4.67 -3.37
C ILE A 429 10.23 5.71 -2.46
N THR A 430 10.57 5.65 -1.18
CA THR A 430 10.19 6.65 -0.20
C THR A 430 11.46 7.28 0.35
N GLN A 431 11.51 8.61 0.38
CA GLN A 431 12.70 9.33 0.80
C GLN A 431 12.33 10.37 1.84
N GLN A 432 13.14 10.47 2.89
CA GLN A 432 12.95 11.47 3.94
C GLN A 432 13.85 12.65 3.66
N GLN A 433 13.25 13.82 3.48
CA GLN A 433 14.00 15.02 3.12
C GLN A 433 14.42 15.79 4.36
N LYS A 434 15.59 16.43 4.27
CA LYS A 434 15.96 17.42 5.26
C LYS A 434 15.13 18.67 5.07
N ALA A 435 14.20 18.91 6.00
CA ALA A 435 13.29 20.04 5.84
C ALA A 435 14.04 21.37 5.81
N VAL A 436 15.23 21.42 6.39
CA VAL A 436 15.96 22.67 6.53
C VAL A 436 17.43 22.38 6.75
N SER A 437 18.27 23.28 6.24
CA SER A 437 19.69 23.36 6.59
C SER A 437 19.96 24.79 7.05
N VAL A 438 21.24 25.09 7.28
CA VAL A 438 21.61 26.41 7.77
C VAL A 438 21.14 27.48 6.79
N SER A 439 21.36 27.26 5.50
CA SER A 439 21.01 28.26 4.50
C SER A 439 19.51 28.54 4.50
N GLU A 440 18.69 27.50 4.59
CA GLU A 440 17.24 27.68 4.50
C GLU A 440 16.73 28.60 5.61
N LEU A 441 17.17 28.37 6.84
CA LEU A 441 16.73 29.24 7.93
C LEU A 441 17.15 30.68 7.71
N LEU A 442 18.38 30.88 7.21
CA LEU A 442 18.84 32.23 6.90
C LEU A 442 17.93 32.89 5.86
N ALA A 443 17.50 32.12 4.87
CA ALA A 443 16.59 32.66 3.86
C ALA A 443 15.28 33.11 4.50
N ASP A 444 14.73 32.30 5.40
CA ASP A 444 13.52 32.71 6.11
C ASP A 444 13.79 33.88 7.04
N LEU A 445 14.96 33.89 7.68
CA LEU A 445 15.30 34.95 8.62
C LEU A 445 15.33 36.30 7.92
N GLY A 446 15.97 36.37 6.75
CA GLY A 446 16.06 37.64 6.04
C GLY A 446 14.70 38.15 5.60
N GLY A 447 13.87 37.28 5.04
CA GLY A 447 12.56 37.70 4.60
C GLY A 447 11.69 38.18 5.74
N GLN A 448 11.65 37.42 6.84
CA GLN A 448 10.86 37.85 7.99
C GLN A 448 11.39 39.16 8.57
N LEU A 449 12.72 39.30 8.67
CA LEU A 449 13.28 40.54 9.17
C LEU A 449 12.94 41.71 8.26
N GLY A 450 13.02 41.52 6.95
CA GLY A 450 12.73 42.61 6.03
C GLY A 450 11.25 42.93 5.95
N LEU A 451 10.40 41.98 6.35
CA LEU A 451 8.95 42.19 6.25
C LEU A 451 8.53 43.48 6.94
N PHE A 452 8.81 43.60 8.24
CA PHE A 452 8.35 44.73 9.03
C PHE A 452 9.40 45.82 9.12
N CYS A 453 10.58 45.50 9.65
CA CYS A 453 11.61 46.51 9.86
C CYS A 453 12.27 46.96 8.56
N GLY A 454 12.12 46.18 7.48
CA GLY A 454 12.76 46.53 6.23
C GLY A 454 14.26 46.66 6.38
N ALA A 455 14.87 45.69 7.06
CA ALA A 455 16.27 45.75 7.40
C ALA A 455 17.00 44.57 6.78
N SER A 456 18.29 44.48 7.06
CA SER A 456 19.12 43.39 6.56
C SER A 456 20.32 43.25 7.47
N LEU A 457 21.11 42.20 7.23
CA LEU A 457 22.31 41.99 8.03
C LEU A 457 23.25 43.20 7.95
N ILE A 458 23.33 43.84 6.78
CA ILE A 458 24.15 45.03 6.65
C ILE A 458 23.68 46.13 7.61
N THR A 459 22.36 46.33 7.70
CA THR A 459 21.84 47.27 8.68
C THR A 459 22.14 46.82 10.10
N ILE A 460 22.03 45.52 10.37
CA ILE A 460 22.38 45.02 11.68
C ILE A 460 23.84 45.31 12.00
N ILE A 461 24.72 45.15 11.01
CA ILE A 461 26.12 45.51 11.21
C ILE A 461 26.27 47.00 11.47
N GLU A 462 25.55 47.83 10.71
CA GLU A 462 25.61 49.27 10.94
C GLU A 462 25.09 49.64 12.32
N ILE A 463 23.98 49.01 12.74
CA ILE A 463 23.48 49.26 14.09
C ILE A 463 24.49 48.80 15.13
N ILE A 464 25.11 47.65 14.92
CA ILE A 464 26.13 47.17 15.85
C ILE A 464 27.31 48.13 15.90
N GLU A 465 27.73 48.65 14.75
CA GLU A 465 28.83 49.61 14.73
C GLU A 465 28.50 50.84 15.54
N TYR A 466 27.27 51.34 15.42
CA TYR A 466 26.85 52.48 16.24
C TYR A 466 26.89 52.12 17.72
N LEU A 467 26.42 50.92 18.07
CA LEU A 467 26.43 50.51 19.47
C LEU A 467 27.85 50.37 19.99
N PHE A 468 28.76 49.84 19.18
CA PHE A 468 30.14 49.63 19.63
C PHE A 468 30.79 50.93 20.07
N THR A 469 30.56 52.02 19.33
CA THR A 469 31.11 53.31 19.74
C THR A 469 30.54 53.76 21.08
N ASN A 470 29.23 53.60 21.28
CA ASN A 470 28.61 54.00 22.55
C ASN A 470 29.11 53.14 23.71
N PHE A 471 29.26 51.84 23.49
CA PHE A 471 29.74 50.94 24.54
C PHE A 471 31.15 51.31 24.97
N ASP B 38 29.47 64.14 -7.31
CA ASP B 38 30.37 62.97 -7.21
C ASP B 38 29.95 62.07 -6.06
N HIS B 39 30.08 62.59 -4.84
CA HIS B 39 29.75 61.80 -3.65
C HIS B 39 28.30 61.34 -3.64
N ASP B 40 27.42 62.03 -4.39
CA ASP B 40 26.02 61.62 -4.42
C ASP B 40 25.85 60.19 -4.90
N PHE B 41 26.76 59.72 -5.76
CA PHE B 41 26.65 58.36 -6.27
C PHE B 41 26.72 57.33 -5.14
N ALA B 42 27.68 57.51 -4.22
CA ALA B 42 27.81 56.59 -3.10
C ALA B 42 26.76 56.87 -2.03
N ILE B 43 26.42 58.14 -1.82
CA ILE B 43 25.48 58.49 -0.76
C ILE B 43 24.04 58.19 -1.16
N SER B 44 23.72 58.26 -2.44
CA SER B 44 22.34 58.13 -2.91
C SER B 44 21.94 56.71 -3.25
N THR B 45 22.89 55.82 -3.50
CA THR B 45 22.55 54.44 -3.85
C THR B 45 21.78 53.81 -2.70
N SER B 46 20.49 53.56 -2.91
CA SER B 46 19.59 53.15 -1.84
C SER B 46 19.94 51.79 -1.25
N PHE B 47 20.71 50.97 -1.96
CA PHE B 47 21.12 49.69 -1.40
C PHE B 47 21.81 49.92 -0.06
N HIS B 48 21.44 49.12 0.93
CA HIS B 48 21.96 49.32 2.27
C HIS B 48 23.48 49.38 2.25
N GLY B 49 24.12 48.38 1.65
CA GLY B 49 25.53 48.44 1.32
C GLY B 49 26.38 49.16 2.35
N ILE B 50 27.06 50.21 1.92
CA ILE B 50 27.86 51.04 2.83
C ILE B 50 27.88 52.45 2.29
N HIS B 51 26.98 53.30 2.78
CA HIS B 51 26.96 54.69 2.34
C HIS B 51 28.20 55.44 2.79
N ASN B 52 28.76 55.08 3.94
CA ASN B 52 29.83 55.83 4.57
C ASN B 52 31.22 55.32 4.19
N ILE B 53 31.38 54.73 2.99
CA ILE B 53 32.70 54.29 2.56
C ILE B 53 33.66 55.47 2.55
N VAL B 54 33.23 56.59 1.98
CA VAL B 54 34.03 57.80 1.95
C VAL B 54 33.46 58.89 2.85
N GLN B 55 32.14 58.89 3.05
CA GLN B 55 31.52 59.90 3.90
C GLN B 55 31.93 59.76 5.36
N ASN B 56 32.44 58.60 5.77
CA ASN B 56 32.87 58.41 7.14
C ASN B 56 34.00 59.37 7.52
N ARG B 57 34.84 59.77 6.55
CA ARG B 57 35.96 60.66 6.81
C ARG B 57 36.90 60.09 7.87
N SER B 58 37.06 58.78 7.87
CA SER B 58 37.97 58.10 8.78
C SER B 58 38.51 56.86 8.10
N LYS B 59 39.78 56.54 8.37
CA LYS B 59 40.42 55.41 7.71
C LYS B 59 39.79 54.09 8.14
N ILE B 60 39.67 53.87 9.45
CA ILE B 60 39.15 52.61 9.95
C ILE B 60 37.71 52.41 9.49
N ARG B 61 36.89 53.46 9.60
CA ARG B 61 35.50 53.35 9.18
C ARG B 61 35.40 53.07 7.69
N ARG B 62 36.21 53.76 6.89
CA ARG B 62 36.17 53.55 5.44
C ARG B 62 36.55 52.12 5.08
N VAL B 63 37.62 51.60 5.70
CA VAL B 63 38.03 50.23 5.42
C VAL B 63 36.94 49.24 5.83
N LEU B 64 36.34 49.42 7.00
CA LEU B 64 35.28 48.52 7.45
C LEU B 64 34.11 48.57 6.49
N TRP B 65 33.74 49.76 6.04
CA TRP B 65 32.59 49.90 5.14
C TRP B 65 32.87 49.24 3.80
N LEU B 66 34.07 49.41 3.26
CA LEU B 66 34.42 48.74 2.01
C LEU B 66 34.37 47.22 2.19
N VAL B 67 34.90 46.71 3.29
CA VAL B 67 34.87 45.28 3.53
C VAL B 67 33.45 44.76 3.60
N VAL B 68 32.58 45.47 4.32
CA VAL B 68 31.18 45.05 4.44
C VAL B 68 30.52 45.04 3.07
N VAL B 69 30.73 46.12 2.29
CA VAL B 69 30.11 46.20 0.98
C VAL B 69 30.53 45.03 0.10
N LEU B 70 31.82 44.69 0.14
CA LEU B 70 32.28 43.55 -0.65
C LEU B 70 31.65 42.24 -0.17
N GLY B 71 31.72 41.98 1.14
CA GLY B 71 31.32 40.67 1.65
C GLY B 71 29.84 40.39 1.49
N SER B 72 29.00 41.39 1.75
CA SER B 72 27.56 41.17 1.64
C SER B 72 27.18 40.71 0.24
N VAL B 73 27.64 41.43 -0.78
CA VAL B 73 27.30 41.08 -2.15
C VAL B 73 27.97 39.77 -2.55
N SER B 74 29.18 39.49 -2.04
CA SER B 74 29.79 38.20 -2.35
C SER B 74 28.92 37.05 -1.87
N LEU B 75 28.50 37.10 -0.61
CA LEU B 75 27.64 36.05 -0.08
C LEU B 75 26.33 35.97 -0.87
N VAL B 76 25.75 37.13 -1.18
CA VAL B 76 24.48 37.15 -1.90
C VAL B 76 24.61 36.47 -3.25
N THR B 77 25.66 36.83 -4.01
CA THR B 77 25.81 36.25 -5.34
C THR B 77 26.10 34.76 -5.26
N TRP B 78 26.88 34.32 -4.27
CA TRP B 78 27.11 32.88 -4.13
C TRP B 78 25.80 32.16 -3.88
N GLN B 79 24.98 32.69 -2.97
CA GLN B 79 23.70 32.04 -2.67
C GLN B 79 22.78 32.02 -3.88
N ILE B 80 22.73 33.12 -4.62
CA ILE B 80 21.83 33.18 -5.77
C ILE B 80 22.29 32.21 -6.86
N TYR B 81 23.61 32.10 -7.08
CA TYR B 81 24.11 31.14 -8.03
C TYR B 81 23.72 29.72 -7.60
N ILE B 82 23.89 29.41 -6.32
CA ILE B 82 23.50 28.09 -5.83
C ILE B 82 22.03 27.83 -6.10
N ARG B 83 21.18 28.83 -5.81
CA ARG B 83 19.74 28.64 -5.96
C ARG B 83 19.35 28.45 -7.42
N LEU B 84 19.96 29.21 -8.33
CA LEU B 84 19.70 29.01 -9.75
C LEU B 84 20.13 27.61 -10.17
N LEU B 85 21.27 27.14 -9.66
CA LEU B 85 21.70 25.79 -9.96
C LEU B 85 20.66 24.77 -9.51
N ASN B 86 20.14 24.92 -8.30
CA ASN B 86 19.11 23.99 -7.83
C ASN B 86 17.87 24.07 -8.70
N TYR B 87 17.44 25.29 -9.05
CA TYR B 87 16.27 25.42 -9.91
C TYR B 87 16.46 24.66 -11.21
N PHE B 88 17.61 24.80 -11.84
CA PHE B 88 17.83 24.14 -13.13
C PHE B 88 17.76 22.62 -13.02
N THR B 89 17.65 22.06 -11.82
CA THR B 89 17.38 20.64 -11.67
C THR B 89 15.91 20.29 -11.90
N TRP B 90 15.04 21.29 -11.97
CA TRP B 90 13.61 21.09 -12.16
C TRP B 90 13.04 20.21 -11.05
N PRO B 91 13.15 20.64 -9.79
CA PRO B 91 12.70 19.80 -8.67
C PRO B 91 11.20 19.61 -8.67
N THR B 92 10.76 18.58 -7.96
CA THR B 92 9.35 18.24 -7.85
C THR B 92 9.08 17.65 -6.48
N THR B 93 7.81 17.71 -6.08
CA THR B 93 7.35 17.11 -4.85
C THR B 93 5.99 16.48 -5.10
N THR B 94 5.65 15.46 -4.30
CA THR B 94 4.44 14.69 -4.49
C THR B 94 3.56 14.80 -3.24
N SER B 95 2.25 14.68 -3.44
CA SER B 95 1.29 14.76 -2.35
C SER B 95 0.28 13.62 -2.47
N ILE B 96 -0.25 13.20 -1.33
CA ILE B 96 -1.21 12.12 -1.24
C ILE B 96 -2.48 12.64 -0.58
N GLU B 97 -3.62 12.37 -1.20
CA GLU B 97 -4.91 12.82 -0.68
C GLU B 97 -5.95 11.72 -0.87
N VAL B 98 -7.00 11.78 -0.06
CA VAL B 98 -8.04 10.76 -0.07
C VAL B 98 -9.41 11.43 -0.13
N GLN B 99 -10.03 11.40 -1.31
CA GLN B 99 -11.34 12.00 -1.49
C GLN B 99 -12.44 10.93 -1.49
N TYR B 100 -13.68 11.40 -1.40
CA TYR B 100 -14.84 10.54 -1.40
C TYR B 100 -15.99 11.26 -2.10
N VAL B 101 -16.89 10.46 -2.68
CA VAL B 101 -17.99 10.98 -3.48
C VAL B 101 -19.27 10.27 -3.07
N GLU B 102 -20.41 10.87 -3.45
CA GLU B 102 -21.69 10.24 -3.16
C GLU B 102 -21.82 8.90 -3.86
N LYS B 103 -21.36 8.82 -5.11
CA LYS B 103 -21.33 7.56 -5.84
C LYS B 103 -20.14 7.59 -6.79
N MET B 104 -19.71 6.41 -7.21
CA MET B 104 -18.46 6.27 -7.95
C MET B 104 -18.63 5.22 -9.02
N GLU B 105 -17.77 5.30 -10.04
CA GLU B 105 -17.84 4.37 -11.16
C GLU B 105 -17.18 3.05 -10.79
N PHE B 106 -17.86 1.96 -11.09
CA PHE B 106 -17.32 0.63 -10.83
C PHE B 106 -16.43 0.20 -11.99
N PRO B 107 -15.17 -0.15 -11.76
CA PRO B 107 -14.28 -0.47 -12.87
C PRO B 107 -14.74 -1.72 -13.61
N ALA B 108 -14.46 -1.72 -14.91
CA ALA B 108 -14.80 -2.87 -15.74
C ALA B 108 -13.96 -4.07 -15.35
N VAL B 109 -14.56 -5.25 -15.47
CA VAL B 109 -13.89 -6.51 -15.17
C VAL B 109 -14.04 -7.43 -16.38
N THR B 110 -13.03 -8.27 -16.58
CA THR B 110 -13.04 -9.22 -17.67
C THR B 110 -12.62 -10.59 -17.16
N PHE B 111 -13.17 -11.64 -17.76
CA PHE B 111 -12.96 -13.00 -17.30
C PHE B 111 -12.56 -13.90 -18.46
N CYS B 112 -11.84 -14.97 -18.13
CA CYS B 112 -11.47 -15.98 -19.10
C CYS B 112 -11.39 -17.33 -18.38
N ASN B 113 -11.50 -18.40 -19.16
CA ASN B 113 -11.42 -19.75 -18.62
C ASN B 113 -10.01 -20.28 -18.81
N LEU B 114 -9.45 -20.88 -17.77
CA LEU B 114 -8.10 -21.43 -17.86
C LEU B 114 -8.02 -22.64 -18.76
N ASN B 115 -9.16 -23.22 -19.15
CA ASN B 115 -9.24 -24.21 -20.21
C ASN B 115 -9.88 -23.53 -21.40
N ARG B 116 -9.17 -23.50 -22.53
CA ARG B 116 -9.49 -22.55 -23.59
C ARG B 116 -10.31 -23.13 -24.73
N PHE B 117 -10.37 -24.46 -24.87
CA PHE B 117 -10.95 -25.07 -26.06
C PHE B 117 -11.96 -26.14 -25.68
N GLN B 118 -13.06 -26.19 -26.43
CA GLN B 118 -14.05 -27.23 -26.25
C GLN B 118 -13.42 -28.59 -26.55
N THR B 119 -13.71 -29.58 -25.71
CA THR B 119 -12.95 -30.83 -25.76
C THR B 119 -13.12 -31.55 -27.09
N ASP B 120 -14.35 -31.60 -27.62
CA ASP B 120 -14.58 -32.39 -28.83
C ASP B 120 -13.84 -31.79 -30.02
N ALA B 121 -13.88 -30.47 -30.18
CA ALA B 121 -13.25 -29.86 -31.34
C ALA B 121 -11.75 -30.07 -31.34
N VAL B 122 -11.17 -30.35 -30.18
CA VAL B 122 -9.72 -30.53 -30.09
C VAL B 122 -9.33 -32.00 -30.07
N ALA B 123 -10.30 -32.90 -29.85
CA ALA B 123 -9.97 -34.32 -29.67
C ALA B 123 -9.17 -34.86 -30.86
N LYS B 124 -9.63 -34.58 -32.08
CA LYS B 124 -8.99 -35.08 -33.28
C LYS B 124 -8.18 -34.02 -34.01
N PHE B 125 -7.88 -32.89 -33.36
CA PHE B 125 -7.25 -31.78 -34.05
C PHE B 125 -6.14 -31.16 -33.21
N GLY B 126 -5.27 -32.00 -32.64
CA GLY B 126 -4.29 -31.56 -31.68
C GLY B 126 -3.36 -30.46 -32.17
N VAL B 127 -3.14 -30.40 -33.48
CA VAL B 127 -2.24 -29.38 -34.04
C VAL B 127 -2.72 -27.99 -33.66
N ILE B 128 -3.99 -27.86 -33.30
CA ILE B 128 -4.57 -26.56 -32.98
C ILE B 128 -3.82 -25.92 -31.83
N PHE B 129 -3.36 -26.71 -30.86
CA PHE B 129 -2.65 -26.14 -29.73
C PHE B 129 -1.43 -25.35 -30.20
N PHE B 130 -0.57 -25.98 -31.00
CA PHE B 130 0.63 -25.31 -31.45
C PHE B 130 0.30 -24.16 -32.41
N LEU B 131 -0.75 -24.33 -33.22
CA LEU B 131 -1.17 -23.24 -34.09
C LEU B 131 -1.52 -22.00 -33.27
N TRP B 132 -2.34 -22.19 -32.23
CA TRP B 132 -2.74 -21.07 -31.39
C TRP B 132 -1.55 -20.49 -30.66
N HIS B 133 -0.64 -21.35 -30.19
CA HIS B 133 0.57 -20.84 -29.54
C HIS B 133 1.35 -19.93 -30.47
N ILE B 134 1.55 -20.37 -31.71
CA ILE B 134 2.29 -19.57 -32.68
C ILE B 134 1.59 -18.24 -32.90
N VAL B 135 0.27 -18.29 -33.09
CA VAL B 135 -0.47 -17.06 -33.38
C VAL B 135 -0.41 -16.11 -32.19
N SER B 136 -0.49 -16.66 -30.98
CA SER B 136 -0.51 -15.85 -29.78
C SER B 136 0.87 -15.35 -29.37
N LYS B 137 1.93 -15.85 -30.02
CA LYS B 137 3.25 -15.28 -29.77
C LYS B 137 3.24 -13.76 -29.87
N VAL B 138 2.28 -13.18 -30.59
CA VAL B 138 2.19 -11.73 -30.67
C VAL B 138 2.02 -11.13 -29.28
N LEU B 139 1.24 -11.78 -28.43
CA LEU B 139 1.01 -11.29 -27.07
C LEU B 139 1.92 -11.93 -26.04
N HIS B 140 1.98 -13.25 -25.98
CA HIS B 140 2.67 -13.89 -24.87
C HIS B 140 4.19 -13.84 -25.02
N LEU B 141 4.71 -13.60 -26.22
CA LEU B 141 6.15 -13.38 -26.42
C LEU B 141 6.98 -14.44 -25.70
N GLN B 142 6.61 -15.70 -25.90
CA GLN B 142 7.29 -16.83 -25.30
C GLN B 142 7.84 -17.71 -26.42
N GLU B 143 9.14 -17.95 -26.40
CA GLU B 143 9.80 -18.58 -27.53
C GLU B 143 9.41 -20.05 -27.64
N ILE B 144 9.40 -20.55 -28.88
CA ILE B 144 9.04 -21.92 -29.20
C ILE B 144 10.30 -22.66 -29.63
N THR B 145 10.52 -23.84 -29.07
CA THR B 145 11.67 -24.65 -29.45
C THR B 145 11.55 -25.02 -30.92
N ALA B 146 12.56 -24.66 -31.70
CA ALA B 146 12.51 -24.90 -33.14
C ALA B 146 12.59 -26.40 -33.44
N ASN B 147 11.97 -26.79 -34.56
CA ASN B 147 11.98 -28.16 -35.04
C ASN B 147 11.31 -29.13 -34.07
N SER B 148 10.56 -28.62 -33.10
CA SER B 148 9.81 -29.49 -32.22
C SER B 148 8.71 -30.21 -32.99
N THR B 149 8.37 -31.41 -32.53
CA THR B 149 7.37 -32.21 -33.23
C THR B 149 6.10 -31.40 -33.46
N GLY B 150 5.61 -30.73 -32.42
CA GLY B 150 4.44 -29.89 -32.59
C GLY B 150 4.68 -28.79 -33.62
N SER B 151 5.84 -28.13 -33.53
CA SER B 151 6.15 -27.08 -34.49
C SER B 151 6.22 -27.62 -35.91
N ARG B 152 6.86 -28.79 -36.08
CA ARG B 152 6.96 -29.39 -37.40
C ARG B 152 5.58 -29.70 -37.96
N GLU B 153 4.73 -30.33 -37.16
CA GLU B 153 3.40 -30.68 -37.64
C GLU B 153 2.58 -29.43 -37.95
N ALA B 154 2.69 -28.41 -37.10
CA ALA B 154 1.96 -27.18 -37.34
C ALA B 154 2.42 -26.50 -38.61
N THR B 155 3.72 -26.49 -38.86
CA THR B 155 4.23 -25.91 -40.10
C THR B 155 3.71 -26.68 -41.30
N ASP B 156 3.69 -28.02 -41.20
CA ASP B 156 3.15 -28.83 -42.28
C ASP B 156 1.70 -28.48 -42.56
N PHE B 157 0.90 -28.37 -41.49
CA PHE B 157 -0.51 -28.04 -41.68
C PHE B 157 -0.67 -26.65 -42.29
N ALA B 158 0.09 -25.67 -41.81
CA ALA B 158 0.00 -24.33 -42.36
C ALA B 158 0.37 -24.32 -43.83
N ALA B 159 1.38 -25.10 -44.23
CA ALA B 159 1.68 -25.24 -45.64
C ALA B 159 0.55 -25.90 -46.40
N SER B 160 -0.17 -26.83 -45.76
CA SER B 160 -1.23 -27.55 -46.45
C SER B 160 -2.52 -26.73 -46.53
N HIS B 161 -3.10 -26.42 -45.37
CA HIS B 161 -4.40 -25.75 -45.32
C HIS B 161 -4.23 -24.23 -45.25
N GLN B 162 -3.82 -23.66 -46.38
CA GLN B 162 -3.53 -22.23 -46.42
C GLN B 162 -4.77 -21.39 -46.17
N ASN B 163 -5.94 -21.84 -46.61
CA ASN B 163 -7.16 -21.07 -46.51
C ASN B 163 -7.90 -21.26 -45.19
N PHE B 164 -7.37 -22.08 -44.29
CA PHE B 164 -8.02 -22.29 -43.00
C PHE B 164 -8.02 -21.01 -42.19
N SER B 165 -9.13 -20.73 -41.50
CA SER B 165 -9.31 -19.50 -40.75
C SER B 165 -9.20 -19.83 -39.26
N ILE B 166 -8.05 -19.48 -38.66
CA ILE B 166 -7.84 -19.74 -37.25
C ILE B 166 -8.77 -18.89 -36.40
N VAL B 167 -8.93 -17.61 -36.76
CA VAL B 167 -9.72 -16.72 -35.93
C VAL B 167 -11.16 -17.18 -35.83
N GLU B 168 -11.76 -17.59 -36.95
CA GLU B 168 -13.11 -18.12 -36.91
C GLU B 168 -13.17 -19.34 -36.00
N PHE B 169 -12.17 -20.22 -36.11
CA PHE B 169 -12.16 -21.42 -35.29
C PHE B 169 -12.16 -21.08 -33.81
N ILE B 170 -11.26 -20.19 -33.39
CA ILE B 170 -11.17 -19.86 -31.98
C ILE B 170 -12.45 -19.17 -31.51
N ARG B 171 -13.05 -18.35 -32.36
CA ARG B 171 -14.29 -17.70 -31.97
C ARG B 171 -15.40 -18.73 -31.76
N ASN B 172 -15.52 -19.69 -32.67
CA ASN B 172 -16.64 -20.62 -32.60
C ASN B 172 -16.44 -21.66 -31.50
N LYS B 173 -15.23 -22.21 -31.38
CA LYS B 173 -14.99 -23.36 -30.54
C LYS B 173 -14.35 -23.00 -29.19
N GLY B 174 -14.16 -21.72 -28.90
CA GLY B 174 -13.56 -21.31 -27.66
C GLY B 174 -14.57 -21.27 -26.52
N PHE B 175 -14.17 -20.61 -25.44
CA PHE B 175 -15.04 -20.46 -24.29
C PHE B 175 -16.23 -19.59 -24.67
N TYR B 176 -17.32 -19.74 -23.90
CA TYR B 176 -18.55 -19.02 -24.21
C TYR B 176 -19.39 -18.86 -22.95
N LEU B 177 -20.06 -17.72 -22.84
CA LEU B 177 -20.97 -17.44 -21.74
C LEU B 177 -22.38 -17.85 -22.12
N ASN B 178 -23.04 -18.58 -21.22
CA ASN B 178 -24.36 -19.11 -21.50
C ASN B 178 -24.99 -19.53 -20.18
N ASN B 179 -26.31 -19.64 -20.19
CA ASN B 179 -27.01 -20.13 -19.00
C ASN B 179 -26.40 -21.41 -18.47
N SER B 180 -25.76 -22.20 -19.34
CA SER B 180 -25.09 -23.41 -18.89
C SER B 180 -23.72 -23.13 -18.27
N THR B 181 -23.23 -21.91 -18.39
CA THR B 181 -21.90 -21.58 -17.89
C THR B 181 -21.92 -20.53 -16.79
N LEU B 182 -22.71 -19.47 -16.94
CA LEU B 182 -22.82 -18.41 -15.94
C LEU B 182 -24.11 -18.65 -15.17
N LEU B 183 -24.04 -19.49 -14.15
CA LEU B 183 -25.25 -19.90 -13.44
C LEU B 183 -25.94 -18.73 -12.77
N ASP B 184 -25.18 -17.82 -12.15
CA ASP B 184 -25.77 -16.69 -11.45
C ASP B 184 -24.83 -15.49 -11.53
N CYS B 185 -25.41 -14.30 -11.43
CA CYS B 185 -24.62 -13.08 -11.46
C CYS B 185 -25.51 -11.91 -11.07
N GLU B 186 -25.00 -11.05 -10.20
CA GLU B 186 -25.74 -9.88 -9.74
C GLU B 186 -24.77 -8.72 -9.57
N PHE B 187 -25.32 -7.51 -9.61
CA PHE B 187 -24.50 -6.30 -9.58
C PHE B 187 -25.23 -5.24 -8.76
N PHE B 188 -24.67 -4.93 -7.59
CA PHE B 188 -25.29 -3.96 -6.68
C PHE B 188 -26.75 -4.33 -6.42
N GLY B 189 -27.02 -5.61 -6.26
CA GLY B 189 -28.36 -6.09 -5.98
C GLY B 189 -29.26 -6.23 -7.19
N LYS B 190 -28.78 -5.88 -8.39
CA LYS B 190 -29.59 -6.02 -9.59
C LYS B 190 -29.15 -7.24 -10.37
N PRO B 191 -30.06 -8.16 -10.73
CA PRO B 191 -29.65 -9.31 -11.54
C PRO B 191 -29.08 -8.86 -12.88
N CYS B 192 -28.13 -9.64 -13.38
CA CYS B 192 -27.53 -9.39 -14.68
C CYS B 192 -27.51 -10.70 -15.46
N SER B 193 -27.43 -10.58 -16.78
CA SER B 193 -27.60 -11.70 -17.69
C SER B 193 -26.39 -11.77 -18.61
N PRO B 194 -26.12 -12.94 -19.20
CA PRO B 194 -24.98 -13.05 -20.11
C PRO B 194 -24.94 -11.97 -21.17
N LYS B 195 -26.10 -11.50 -21.61
CA LYS B 195 -26.14 -10.47 -22.65
C LYS B 195 -25.45 -9.19 -22.21
N ASP B 196 -25.24 -8.99 -20.92
CA ASP B 196 -24.60 -7.77 -20.44
C ASP B 196 -23.10 -7.76 -20.67
N PHE B 197 -22.49 -8.92 -20.90
CA PHE B 197 -21.05 -8.97 -21.14
C PHE B 197 -20.74 -8.63 -22.59
N ALA B 198 -19.46 -8.36 -22.85
CA ALA B 198 -18.97 -8.09 -24.19
C ALA B 198 -17.77 -8.97 -24.50
N HIS B 199 -17.63 -9.34 -25.77
CA HIS B 199 -16.61 -10.27 -26.19
C HIS B 199 -15.26 -9.60 -26.39
N VAL B 200 -14.19 -10.33 -26.11
CA VAL B 200 -12.83 -9.84 -26.27
C VAL B 200 -11.92 -11.01 -26.57
N PHE B 201 -10.87 -10.76 -27.35
CA PHE B 201 -9.88 -11.77 -27.70
C PHE B 201 -8.60 -11.55 -26.90
N THR B 202 -8.10 -12.63 -26.29
CA THR B 202 -6.82 -12.61 -25.58
C THR B 202 -6.15 -13.95 -25.78
N GLU B 203 -4.93 -14.08 -25.23
CA GLU B 203 -4.17 -15.31 -25.41
C GLU B 203 -4.93 -16.52 -24.89
N TYR B 204 -5.84 -16.34 -23.94
CA TYR B 204 -6.66 -17.43 -23.44
C TYR B 204 -7.89 -17.68 -24.29
N GLY B 205 -7.92 -17.17 -25.52
CA GLY B 205 -9.07 -17.40 -26.38
C GLY B 205 -10.14 -16.38 -26.12
N ASN B 206 -11.38 -16.85 -26.09
CA ASN B 206 -12.50 -15.95 -25.84
C ASN B 206 -12.44 -15.42 -24.42
N CYS B 207 -12.69 -14.11 -24.27
CA CYS B 207 -12.77 -13.50 -22.97
C CYS B 207 -13.90 -12.47 -22.98
N PHE B 208 -14.52 -12.29 -21.82
CA PHE B 208 -15.72 -11.48 -21.70
C PHE B 208 -15.49 -10.38 -20.68
N THR B 209 -15.95 -9.17 -21.00
CA THR B 209 -15.84 -8.03 -20.10
C THR B 209 -17.19 -7.73 -19.48
N PHE B 210 -17.17 -6.91 -18.42
CA PHE B 210 -18.37 -6.50 -17.72
C PHE B 210 -18.30 -5.02 -17.40
N ASN B 211 -19.43 -4.34 -17.51
CA ASN B 211 -19.53 -2.90 -17.28
C ASN B 211 -18.65 -2.13 -18.25
N HIS B 212 -18.39 -2.71 -19.43
CA HIS B 212 -17.61 -2.04 -20.45
C HIS B 212 -18.26 -0.73 -20.86
N GLY B 213 -17.49 0.08 -21.57
CA GLY B 213 -17.98 1.37 -22.04
C GLY B 213 -19.19 1.25 -22.95
N VAL B 224 -20.76 3.45 -3.61
CA VAL B 224 -21.34 2.97 -2.37
C VAL B 224 -20.48 1.82 -1.83
N SER B 225 -20.35 1.76 -0.51
CA SER B 225 -19.46 0.79 0.11
C SER B 225 -20.13 -0.57 0.24
N GLY B 226 -19.30 -1.60 0.42
CA GLY B 226 -19.78 -2.95 0.67
C GLY B 226 -20.32 -3.65 -0.55
N ARG B 227 -21.33 -3.06 -1.17
CA ARG B 227 -21.98 -3.66 -2.33
C ARG B 227 -21.00 -3.77 -3.50
N GLY B 228 -21.27 -4.74 -4.37
CA GLY B 228 -20.41 -4.97 -5.52
C GLY B 228 -20.91 -6.04 -6.48
N LEU B 229 -19.98 -6.71 -7.16
CA LEU B 229 -20.30 -7.68 -8.19
C LEU B 229 -20.18 -9.09 -7.63
N SER B 230 -21.13 -9.96 -7.98
CA SER B 230 -21.14 -11.34 -7.54
C SER B 230 -21.39 -12.25 -8.73
N LEU B 231 -20.69 -13.39 -8.77
CA LEU B 231 -20.77 -14.30 -9.90
C LEU B 231 -20.65 -15.72 -9.41
N LEU B 232 -21.10 -16.67 -10.25
CA LEU B 232 -20.98 -18.09 -9.97
C LEU B 232 -20.79 -18.82 -11.30
N PHE B 233 -19.54 -19.08 -11.66
CA PHE B 233 -19.22 -19.73 -12.93
C PHE B 233 -19.34 -21.23 -12.82
N ASN B 234 -19.56 -21.87 -13.97
CA ASN B 234 -19.51 -23.32 -14.09
C ASN B 234 -18.43 -23.66 -15.12
N VAL B 235 -17.20 -23.81 -14.66
CA VAL B 235 -16.09 -24.02 -15.58
C VAL B 235 -16.30 -25.26 -16.44
N ASN B 236 -17.14 -26.20 -16.01
CA ASN B 236 -17.46 -27.38 -16.80
C ASN B 236 -16.18 -28.06 -17.28
N GLN B 237 -15.37 -28.48 -16.32
CA GLN B 237 -14.05 -29.00 -16.63
C GLN B 237 -14.08 -30.21 -17.54
N GLU B 238 -15.21 -30.93 -17.61
CA GLU B 238 -15.32 -32.06 -18.52
C GLU B 238 -15.52 -31.62 -19.96
N ALA B 239 -16.18 -30.48 -20.19
CA ALA B 239 -16.46 -30.01 -21.54
C ALA B 239 -15.33 -29.25 -22.17
N PHE B 240 -14.58 -28.47 -21.38
CA PHE B 240 -13.43 -27.72 -21.86
C PHE B 240 -12.16 -28.46 -21.49
N THR B 241 -11.11 -28.27 -22.28
CA THR B 241 -9.85 -28.97 -22.06
C THR B 241 -8.72 -28.12 -22.61
N ASP B 242 -7.49 -28.51 -22.24
CA ASP B 242 -6.31 -27.80 -22.69
C ASP B 242 -5.12 -28.75 -22.67
N ASN B 243 -4.06 -28.36 -23.38
CA ASN B 243 -2.85 -29.16 -23.45
C ASN B 243 -2.04 -29.02 -22.16
N PRO B 244 -1.78 -30.10 -21.44
CA PRO B 244 -0.90 -29.99 -20.27
C PRO B 244 0.56 -29.88 -20.65
N ALA B 245 0.99 -30.55 -21.72
CA ALA B 245 2.41 -30.50 -22.10
C ALA B 245 2.88 -29.07 -22.32
N LEU B 246 1.97 -28.16 -22.68
CA LEU B 246 2.32 -26.77 -22.84
C LEU B 246 2.31 -26.02 -21.51
N GLY B 247 2.01 -26.69 -20.40
CA GLY B 247 2.04 -26.06 -19.10
C GLY B 247 0.69 -25.64 -18.55
N PHE B 248 -0.35 -25.61 -19.38
CA PHE B 248 -1.68 -25.21 -18.93
C PHE B 248 -2.30 -26.33 -18.11
N VAL B 249 -1.84 -26.44 -16.86
CA VAL B 249 -2.24 -27.57 -16.02
C VAL B 249 -3.33 -27.17 -15.06
N ASP B 250 -3.32 -25.94 -14.57
CA ASP B 250 -4.27 -25.50 -13.54
C ASP B 250 -5.66 -25.30 -14.13
N ALA B 251 -6.66 -25.45 -13.28
CA ALA B 251 -8.06 -25.19 -13.61
C ALA B 251 -8.60 -24.10 -12.70
N GLY B 252 -9.44 -23.26 -13.26
CA GLY B 252 -9.98 -22.14 -12.51
C GLY B 252 -10.26 -20.98 -13.44
N ILE B 253 -10.63 -19.86 -12.84
CA ILE B 253 -11.02 -18.64 -13.56
C ILE B 253 -9.93 -17.61 -13.38
N ILE B 254 -9.56 -16.95 -14.47
CA ILE B 254 -8.55 -15.89 -14.48
C ILE B 254 -9.24 -14.61 -14.92
N PHE B 255 -9.06 -13.55 -14.13
CA PHE B 255 -9.72 -12.28 -14.42
C PHE B 255 -8.78 -11.15 -14.05
N VAL B 256 -9.03 -9.98 -14.65
CA VAL B 256 -8.23 -8.80 -14.41
C VAL B 256 -9.16 -7.60 -14.31
N ILE B 257 -8.74 -6.60 -13.53
CA ILE B 257 -9.52 -5.39 -13.28
C ILE B 257 -8.82 -4.23 -13.98
N HIS B 258 -9.60 -3.46 -14.74
CA HIS B 258 -9.04 -2.35 -15.51
C HIS B 258 -10.11 -1.30 -15.72
N SER B 259 -9.66 -0.08 -15.96
CA SER B 259 -10.60 1.00 -16.25
C SER B 259 -11.32 0.71 -17.56
N PRO B 260 -12.57 1.15 -17.72
CA PRO B 260 -13.32 0.79 -18.94
C PRO B 260 -12.62 1.21 -20.22
N LYS B 261 -11.95 2.36 -20.24
CA LYS B 261 -11.29 2.80 -21.46
C LYS B 261 -10.17 1.86 -21.88
N LYS B 262 -9.61 1.12 -20.93
CA LYS B 262 -8.42 0.33 -21.20
C LYS B 262 -8.76 -0.96 -21.96
N VAL B 263 -7.71 -1.63 -22.39
CA VAL B 263 -7.79 -2.98 -22.96
C VAL B 263 -7.11 -3.91 -21.96
N PRO B 264 -7.70 -5.05 -21.63
CA PRO B 264 -7.07 -5.92 -20.63
C PRO B 264 -5.72 -6.44 -21.09
N GLN B 265 -4.85 -6.73 -20.13
CA GLN B 265 -3.48 -7.12 -20.41
C GLN B 265 -3.17 -8.59 -20.14
N PHE B 266 -3.58 -9.12 -18.99
CA PHE B 266 -3.22 -10.48 -18.61
C PHE B 266 -1.71 -10.65 -18.66
N ASP B 267 -1.22 -11.55 -19.51
CA ASP B 267 0.22 -11.80 -19.62
C ASP B 267 0.83 -12.10 -18.26
N GLY B 268 0.10 -12.84 -17.45
CA GLY B 268 0.55 -13.20 -16.12
C GLY B 268 0.27 -12.18 -15.05
N LEU B 269 -0.29 -11.02 -15.39
CA LEU B 269 -0.64 -10.01 -14.40
C LEU B 269 -2.08 -10.14 -13.92
N GLY B 270 -2.85 -11.08 -14.47
CA GLY B 270 -4.22 -11.23 -14.03
C GLY B 270 -4.32 -12.07 -12.78
N LEU B 271 -5.40 -11.85 -12.03
CA LEU B 271 -5.62 -12.60 -10.80
C LEU B 271 -6.23 -13.96 -11.12
N LEU B 272 -6.42 -14.76 -10.08
CA LEU B 272 -6.93 -16.11 -10.22
C LEU B 272 -7.97 -16.41 -9.16
N SER B 273 -8.71 -17.49 -9.36
CA SER B 273 -9.67 -17.99 -8.39
C SER B 273 -9.85 -19.48 -8.61
N PRO B 274 -9.72 -20.30 -7.58
CA PRO B 274 -9.71 -21.74 -7.76
C PRO B 274 -11.11 -22.33 -7.81
N VAL B 275 -11.17 -23.61 -8.14
CA VAL B 275 -12.43 -24.34 -8.21
C VAL B 275 -12.80 -24.82 -6.82
N GLY B 276 -14.07 -24.68 -6.47
CA GLY B 276 -14.56 -25.18 -5.20
C GLY B 276 -14.35 -24.26 -4.02
N MET B 277 -14.01 -23.00 -4.23
CA MET B 277 -13.81 -22.06 -3.15
C MET B 277 -14.41 -20.71 -3.52
N HIS B 278 -15.10 -20.09 -2.57
CA HIS B 278 -15.67 -18.77 -2.76
C HIS B 278 -14.61 -17.72 -2.45
N ALA B 279 -14.24 -16.94 -3.45
CA ALA B 279 -13.18 -15.95 -3.32
C ALA B 279 -13.78 -14.56 -3.20
N ARG B 280 -13.42 -13.85 -2.14
CA ARG B 280 -13.86 -12.47 -1.93
C ARG B 280 -12.70 -11.55 -2.25
N VAL B 281 -12.93 -10.59 -3.14
CA VAL B 281 -11.91 -9.66 -3.58
C VAL B 281 -12.36 -8.25 -3.22
N THR B 282 -11.48 -7.50 -2.58
CA THR B 282 -11.75 -6.12 -2.22
C THR B 282 -10.75 -5.21 -2.91
N ILE B 283 -11.23 -4.10 -3.45
CA ILE B 283 -10.41 -3.20 -4.26
C ILE B 283 -10.65 -1.76 -3.83
N ARG B 284 -9.70 -0.91 -4.19
CA ARG B 284 -9.82 0.53 -3.97
C ARG B 284 -9.12 1.25 -5.10
N GLN B 285 -9.78 2.26 -5.65
CA GLN B 285 -9.25 2.97 -6.81
C GLN B 285 -8.04 3.80 -6.40
N VAL B 286 -6.98 3.73 -7.21
CA VAL B 286 -5.76 4.49 -6.98
C VAL B 286 -5.42 5.24 -8.27
N LYS B 287 -5.21 6.54 -8.16
CA LYS B 287 -4.93 7.41 -9.29
C LYS B 287 -3.61 8.13 -9.06
N THR B 288 -2.81 8.24 -10.12
CA THR B 288 -1.52 8.90 -10.04
C THR B 288 -1.35 9.86 -11.20
N VAL B 289 -0.57 10.92 -10.97
CA VAL B 289 -0.32 11.95 -11.97
C VAL B 289 1.19 12.16 -12.05
N HIS B 290 1.69 12.38 -13.27
CA HIS B 290 3.10 12.61 -13.50
C HIS B 290 3.30 13.93 -14.23
N GLN B 291 4.42 14.59 -13.96
CA GLN B 291 4.74 15.84 -14.62
C GLN B 291 5.45 15.58 -15.94
N GLU B 292 5.51 16.61 -16.78
CA GLU B 292 6.11 16.46 -18.09
C GLU B 292 7.59 16.15 -17.96
N TYR B 293 8.20 15.76 -19.08
CA TYR B 293 9.58 15.27 -19.08
C TYR B 293 10.54 16.24 -18.41
N PRO B 294 10.47 17.54 -18.70
CA PRO B 294 11.40 18.47 -18.05
C PRO B 294 11.39 18.36 -16.54
N TRP B 295 10.23 18.09 -15.93
CA TRP B 295 10.13 17.81 -14.51
C TRP B 295 9.90 16.33 -14.22
N GLY B 296 8.83 15.76 -14.78
CA GLY B 296 8.54 14.35 -14.58
C GLY B 296 8.95 13.50 -15.76
N GLU B 297 8.07 12.60 -16.20
CA GLU B 297 8.39 11.71 -17.31
C GLU B 297 7.33 11.69 -18.39
N CYS B 298 6.17 12.29 -18.17
CA CYS B 298 5.10 12.25 -19.17
C CYS B 298 5.45 13.11 -20.37
N ASN B 299 4.92 12.71 -21.53
CA ASN B 299 5.01 13.49 -22.76
C ASN B 299 3.60 13.59 -23.33
N PRO B 300 2.81 14.56 -22.87
CA PRO B 300 1.38 14.59 -23.24
C PRO B 300 1.13 14.69 -24.73
N ASN B 301 2.10 15.18 -25.50
CA ASN B 301 1.85 15.50 -26.90
C ASN B 301 1.71 14.26 -27.78
N ILE B 302 2.13 13.09 -27.31
CA ILE B 302 2.02 11.88 -28.13
C ILE B 302 0.59 11.38 -28.13
N LYS B 303 0.10 11.01 -29.31
CA LYS B 303 -1.27 10.52 -29.48
C LYS B 303 -1.25 9.22 -30.27
N LEU B 304 -2.09 8.28 -29.84
CA LEU B 304 -2.19 7.00 -30.52
C LEU B 304 -3.03 7.12 -31.79
N GLN B 305 -2.78 6.23 -32.74
CA GLN B 305 -3.53 6.23 -34.00
C GLN B 305 -5.02 5.98 -33.77
N ASN B 306 -5.40 5.23 -32.76
CA ASN B 306 -6.80 5.14 -32.38
C ASN B 306 -7.30 6.43 -31.74
N PHE B 307 -6.39 7.31 -31.31
CA PHE B 307 -6.73 8.62 -30.78
C PHE B 307 -7.54 8.53 -29.50
N SER B 308 -7.55 7.37 -28.86
CA SER B 308 -8.27 7.20 -27.60
C SER B 308 -7.42 7.69 -26.44
N SER B 309 -7.06 8.96 -26.46
CA SER B 309 -6.18 9.56 -25.44
C SER B 309 -4.85 8.81 -25.51
N TYR B 310 -4.36 8.22 -24.42
CA TYR B 310 -3.08 7.52 -24.45
C TYR B 310 -3.06 6.47 -23.35
N SER B 311 -2.26 5.44 -23.57
CA SER B 311 -2.08 4.37 -22.59
C SER B 311 -0.86 3.56 -22.98
N THR B 312 -0.01 3.28 -21.99
CA THR B 312 1.28 2.67 -22.26
C THR B 312 1.13 1.38 -23.06
N SER B 313 0.26 0.48 -22.59
CA SER B 313 0.06 -0.77 -23.32
C SER B 313 -0.47 -0.52 -24.73
N GLY B 314 -1.37 0.45 -24.88
CA GLY B 314 -1.80 0.82 -26.21
C GLY B 314 -0.66 1.30 -27.07
N CYS B 315 0.25 2.08 -26.48
CA CYS B 315 1.43 2.53 -27.23
C CYS B 315 2.27 1.35 -27.69
N LEU B 316 2.48 0.37 -26.81
CA LEU B 316 3.25 -0.80 -27.21
C LEU B 316 2.55 -1.56 -28.34
N LYS B 317 1.24 -1.74 -28.22
CA LYS B 317 0.50 -2.44 -29.27
C LYS B 317 0.63 -1.72 -30.60
N GLU B 318 0.44 -0.40 -30.59
CA GLU B 318 0.52 0.37 -31.82
C GLU B 318 1.92 0.30 -32.41
N CYS B 319 2.95 0.38 -31.56
CA CYS B 319 4.31 0.31 -32.05
C CYS B 319 4.59 -1.02 -32.73
N LYS B 320 4.16 -2.12 -32.09
CA LYS B 320 4.37 -3.43 -32.70
C LYS B 320 3.61 -3.56 -34.01
N ALA B 321 2.38 -3.06 -34.06
CA ALA B 321 1.62 -3.11 -35.30
C ALA B 321 2.33 -2.33 -36.40
N GLN B 322 2.83 -1.15 -36.06
CA GLN B 322 3.53 -0.34 -37.05
C GLN B 322 4.77 -1.06 -37.57
N HIS B 323 5.56 -1.65 -36.66
CA HIS B 323 6.75 -2.37 -37.09
C HIS B 323 6.40 -3.54 -37.99
N ILE B 324 5.39 -4.32 -37.60
CA ILE B 324 5.06 -5.52 -38.38
C ILE B 324 4.55 -5.14 -39.76
N LYS B 325 3.70 -4.10 -39.82
CA LYS B 325 3.11 -3.73 -41.11
C LYS B 325 4.17 -3.45 -42.16
N LYS B 326 5.34 -2.96 -41.76
CA LYS B 326 6.40 -2.72 -42.73
C LYS B 326 6.89 -4.03 -43.34
N GLN B 327 7.11 -5.05 -42.52
CA GLN B 327 7.64 -6.32 -42.99
C GLN B 327 6.59 -7.22 -43.60
N CYS B 328 5.31 -6.93 -43.40
CA CYS B 328 4.24 -7.72 -43.97
C CYS B 328 3.03 -6.83 -44.19
N GLY B 329 2.31 -7.11 -45.27
CA GLY B 329 1.15 -6.31 -45.61
C GLY B 329 -0.06 -6.53 -44.72
N CYS B 330 0.01 -7.48 -43.80
CA CYS B 330 -1.10 -7.81 -42.93
C CYS B 330 -0.66 -7.71 -41.47
N VAL B 331 -1.63 -7.51 -40.59
CA VAL B 331 -1.40 -7.33 -39.16
C VAL B 331 -2.12 -8.45 -38.43
N PRO B 332 -1.50 -9.08 -37.43
CA PRO B 332 -2.22 -10.12 -36.67
C PRO B 332 -3.48 -9.55 -36.05
N PHE B 333 -4.55 -10.35 -36.09
CA PHE B 333 -5.85 -9.86 -35.67
C PHE B 333 -5.92 -9.56 -34.18
N LEU B 334 -5.04 -10.15 -33.38
CA LEU B 334 -5.05 -9.85 -31.95
C LEU B 334 -4.78 -8.38 -31.69
N LEU B 335 -4.13 -7.69 -32.62
CA LEU B 335 -4.04 -6.23 -32.59
C LEU B 335 -5.28 -5.69 -33.29
N PRO B 336 -6.14 -4.90 -32.62
CA PRO B 336 -7.54 -4.82 -33.05
C PRO B 336 -7.78 -4.42 -34.49
N GLY B 337 -7.39 -3.21 -34.90
CA GLY B 337 -7.87 -2.65 -36.15
C GLY B 337 -6.79 -1.92 -36.94
N TYR B 338 -5.59 -2.48 -37.10
CA TYR B 338 -4.52 -1.78 -37.79
C TYR B 338 -4.41 -2.15 -39.26
N GLY B 339 -5.20 -3.09 -39.75
CA GLY B 339 -5.15 -3.42 -41.17
C GLY B 339 -5.69 -4.82 -41.43
N ILE B 340 -5.16 -5.43 -42.48
CA ILE B 340 -5.63 -6.74 -42.91
C ILE B 340 -5.05 -7.82 -42.01
N GLU B 341 -5.84 -8.88 -41.78
CA GLU B 341 -5.34 -10.02 -41.04
C GLU B 341 -4.52 -10.92 -41.95
N CYS B 342 -3.39 -11.40 -41.42
CA CYS B 342 -2.46 -12.16 -42.24
C CYS B 342 -2.94 -13.59 -42.44
N ASP B 343 -2.62 -14.15 -43.59
CA ASP B 343 -2.86 -15.57 -43.83
C ASP B 343 -2.01 -16.40 -42.88
N LEU B 344 -2.49 -17.60 -42.56
CA LEU B 344 -1.86 -18.39 -41.52
C LEU B 344 -0.35 -18.53 -41.75
N GLN B 345 0.05 -18.85 -42.98
CA GLN B 345 1.46 -19.08 -43.25
C GLN B 345 2.31 -17.87 -42.90
N LYS B 346 1.76 -16.66 -43.04
CA LYS B 346 2.54 -15.46 -42.77
C LYS B 346 3.00 -15.41 -41.32
N TYR B 347 2.25 -16.02 -40.41
CA TYR B 347 2.68 -16.05 -39.01
C TYR B 347 4.05 -16.69 -38.88
N PHE B 348 4.25 -17.81 -39.55
CA PHE B 348 5.57 -18.46 -39.53
C PHE B 348 6.56 -17.71 -40.40
N SER B 349 6.10 -17.23 -41.57
CA SER B 349 7.02 -16.62 -42.52
C SER B 349 7.67 -15.36 -41.95
N CYS B 350 6.86 -14.43 -41.46
CA CYS B 350 7.38 -13.11 -41.11
C CYS B 350 7.16 -12.77 -39.64
N VAL B 351 5.96 -13.05 -39.13
CA VAL B 351 5.55 -12.48 -37.85
C VAL B 351 6.49 -12.92 -36.73
N SER B 352 6.72 -14.23 -36.61
CA SER B 352 7.56 -14.73 -35.53
C SER B 352 9.00 -14.23 -35.64
N PRO B 353 9.66 -14.33 -36.79
CA PRO B 353 11.00 -13.73 -36.90
C PRO B 353 11.00 -12.24 -36.60
N VAL B 354 9.95 -11.52 -37.02
CA VAL B 354 9.90 -10.09 -36.77
C VAL B 354 9.82 -9.81 -35.29
N LEU B 355 9.01 -10.58 -34.56
CA LEU B 355 8.92 -10.39 -33.11
C LEU B 355 10.25 -10.72 -32.44
N ASP B 356 10.91 -11.80 -32.88
CA ASP B 356 12.21 -12.13 -32.33
C ASP B 356 13.19 -10.97 -32.53
N HIS B 357 13.22 -10.42 -33.74
CA HIS B 357 14.10 -9.29 -34.01
C HIS B 357 13.74 -8.08 -33.15
N ILE B 358 12.45 -7.82 -32.99
CA ILE B 358 12.01 -6.67 -32.19
C ILE B 358 12.54 -6.81 -30.77
N GLU B 359 12.34 -7.98 -30.16
CA GLU B 359 12.82 -8.17 -28.80
C GLU B 359 14.35 -8.11 -28.74
N PHE B 360 15.02 -8.66 -29.75
CA PHE B 360 16.48 -8.65 -29.77
C PHE B 360 17.03 -7.24 -29.81
N LYS B 361 16.42 -6.35 -30.61
CA LYS B 361 16.93 -5.00 -30.81
C LYS B 361 16.20 -3.97 -29.96
N ASP B 362 15.27 -4.38 -29.10
CA ASP B 362 14.60 -3.47 -28.19
C ASP B 362 13.99 -2.28 -28.94
N LEU B 363 13.44 -2.56 -30.11
CA LEU B 363 12.85 -1.51 -30.92
C LEU B 363 11.61 -0.90 -30.28
N CYS B 364 11.04 -1.57 -29.28
CA CYS B 364 9.90 -1.04 -28.53
C CYS B 364 10.26 -1.06 -27.05
N THR B 365 10.01 0.06 -26.37
CA THR B 365 10.38 0.19 -24.97
C THR B 365 9.38 1.09 -24.26
N VAL B 366 9.34 0.98 -22.94
CA VAL B 366 8.47 1.80 -22.11
C VAL B 366 9.27 2.33 -20.92
N GLY B 367 8.80 3.43 -20.36
CA GLY B 367 9.45 4.04 -19.22
C GLY B 367 9.65 5.53 -19.39
N THR B 368 10.90 5.98 -19.30
CA THR B 368 11.22 7.38 -19.42
C THR B 368 10.88 7.89 -20.83
N HIS B 369 10.95 9.21 -20.99
CA HIS B 369 10.65 9.81 -22.28
C HIS B 369 11.55 9.26 -23.38
N ASN B 370 12.76 8.83 -23.04
CA ASN B 370 13.64 8.24 -24.04
C ASN B 370 13.07 6.95 -24.60
N SER B 371 12.18 6.27 -23.87
CA SER B 371 11.60 5.03 -24.34
C SER B 371 10.54 5.31 -25.40
N SER B 372 10.26 4.28 -26.21
CA SER B 372 9.31 4.45 -27.31
C SER B 372 7.91 4.78 -26.80
N CYS B 373 7.49 4.15 -25.71
CA CYS B 373 6.15 4.37 -25.15
C CYS B 373 6.31 4.87 -23.72
N PRO B 374 6.46 6.18 -23.53
CA PRO B 374 6.68 6.71 -22.19
C PRO B 374 5.45 6.57 -21.31
N VAL B 375 5.67 6.77 -20.01
CA VAL B 375 4.59 6.66 -19.04
C VAL B 375 3.48 7.63 -19.40
N SER B 376 2.25 7.25 -19.04
CA SER B 376 1.09 8.10 -19.29
C SER B 376 1.01 9.22 -18.25
N CYS B 377 0.34 10.31 -18.64
CA CYS B 377 0.15 11.41 -17.71
C CYS B 377 -0.71 10.99 -16.53
N GLU B 378 -1.87 10.40 -16.80
CA GLU B 378 -2.78 9.93 -15.76
C GLU B 378 -2.93 8.42 -15.89
N GLU B 379 -2.95 7.75 -14.75
CA GLU B 379 -3.08 6.30 -14.70
C GLU B 379 -4.06 5.92 -13.60
N ILE B 380 -4.76 4.81 -13.81
CA ILE B 380 -5.69 4.27 -12.82
C ILE B 380 -5.32 2.82 -12.55
N GLU B 381 -5.01 2.50 -11.30
CA GLU B 381 -4.76 1.13 -10.87
C GLU B 381 -5.79 0.74 -9.83
N TYR B 382 -6.02 -0.57 -9.71
CA TYR B 382 -6.98 -1.13 -8.75
C TYR B 382 -6.31 -2.25 -7.98
N PRO B 383 -5.52 -1.94 -6.96
CA PRO B 383 -4.96 -2.99 -6.11
C PRO B 383 -6.07 -3.79 -5.44
N ALA B 384 -5.82 -5.08 -5.23
CA ALA B 384 -6.83 -5.98 -4.70
C ALA B 384 -6.23 -6.89 -3.64
N THR B 385 -7.03 -7.22 -2.63
CA THR B 385 -6.71 -8.22 -1.64
C THR B 385 -7.77 -9.31 -1.69
N ILE B 386 -7.40 -10.52 -1.29
CA ILE B 386 -8.24 -11.69 -1.52
C ILE B 386 -8.30 -12.53 -0.25
N SER B 387 -9.46 -13.14 -0.03
CA SER B 387 -9.65 -14.13 1.02
C SER B 387 -10.67 -15.13 0.53
N TYR B 388 -10.64 -16.34 1.10
CA TYR B 388 -11.35 -17.47 0.53
C TYR B 388 -12.20 -18.19 1.57
N SER B 389 -13.20 -18.92 1.07
CA SER B 389 -14.04 -19.79 1.87
C SER B 389 -14.42 -21.01 1.03
N SER B 390 -14.63 -22.14 1.70
CA SER B 390 -15.07 -23.33 1.00
C SER B 390 -16.46 -23.10 0.42
N PHE B 391 -16.59 -23.22 -0.91
CA PHE B 391 -17.82 -22.78 -1.56
C PHE B 391 -18.99 -23.70 -1.28
N PRO B 392 -18.98 -24.97 -1.68
CA PRO B 392 -20.14 -25.82 -1.39
C PRO B 392 -20.14 -26.32 0.04
N SER B 393 -21.04 -25.78 0.86
CA SER B 393 -21.22 -26.31 2.20
C SER B 393 -22.06 -27.57 2.14
N GLN B 394 -21.86 -28.45 3.12
CA GLN B 394 -22.57 -29.72 3.13
C GLN B 394 -24.07 -29.50 2.97
N LYS B 395 -24.64 -28.51 3.67
CA LYS B 395 -26.05 -28.23 3.51
C LYS B 395 -26.36 -27.70 2.11
N ALA B 396 -25.52 -26.81 1.58
CA ALA B 396 -25.79 -26.24 0.26
C ALA B 396 -25.42 -27.19 -0.86
N LEU B 397 -24.54 -28.16 -0.59
CA LEU B 397 -24.08 -29.06 -1.64
C LEU B 397 -25.24 -29.85 -2.23
N LYS B 398 -26.06 -30.45 -1.37
CA LYS B 398 -27.20 -31.23 -1.87
C LYS B 398 -28.20 -30.34 -2.58
N TYR B 399 -28.44 -29.13 -2.07
CA TYR B 399 -29.36 -28.22 -2.72
C TYR B 399 -28.90 -27.90 -4.14
N LEU B 400 -27.62 -27.57 -4.30
CA LEU B 400 -27.11 -27.27 -5.64
C LEU B 400 -27.17 -28.51 -6.52
N SER B 401 -26.86 -29.68 -5.96
CA SER B 401 -26.92 -30.90 -6.76
C SER B 401 -28.32 -31.14 -7.30
N LYS B 402 -29.34 -30.95 -6.45
CA LYS B 402 -30.71 -31.08 -6.93
C LYS B 402 -31.02 -30.01 -7.96
N LYS B 403 -30.54 -28.79 -7.75
CA LYS B 403 -30.83 -27.71 -8.69
C LYS B 403 -30.29 -28.01 -10.08
N LEU B 404 -29.06 -28.52 -10.15
CA LEU B 404 -28.40 -28.75 -11.44
C LEU B 404 -28.44 -30.19 -11.90
N ASN B 405 -29.08 -31.10 -11.15
CA ASN B 405 -29.20 -32.49 -11.56
C ASN B 405 -27.84 -33.08 -11.89
N GLN B 406 -26.85 -32.80 -11.04
CA GLN B 406 -25.49 -33.25 -11.25
C GLN B 406 -24.93 -33.82 -9.96
N SER B 407 -23.94 -34.70 -10.10
CA SER B 407 -23.40 -35.41 -8.96
C SER B 407 -22.68 -34.45 -8.01
N ARG B 408 -22.59 -34.86 -6.75
CA ARG B 408 -21.93 -34.04 -5.74
C ARG B 408 -20.46 -33.85 -6.05
N LYS B 409 -19.80 -34.85 -6.63
CA LYS B 409 -18.42 -34.71 -7.05
C LYS B 409 -18.28 -33.60 -8.10
N TYR B 410 -19.20 -33.56 -9.05
CA TYR B 410 -19.16 -32.54 -10.09
C TYR B 410 -19.20 -31.14 -9.48
N ILE B 411 -20.05 -30.94 -8.47
CA ILE B 411 -20.19 -29.61 -7.88
C ILE B 411 -18.87 -29.15 -7.29
N ARG B 412 -18.20 -30.03 -6.54
CA ARG B 412 -16.92 -29.66 -5.97
C ARG B 412 -15.86 -29.45 -7.03
N GLU B 413 -15.93 -30.19 -8.14
CA GLU B 413 -14.86 -30.18 -9.13
C GLU B 413 -15.11 -29.21 -10.28
N ASN B 414 -16.20 -28.46 -10.28
CA ASN B 414 -16.51 -27.62 -11.44
C ASN B 414 -16.88 -26.17 -11.13
N LEU B 415 -17.42 -25.85 -9.96
CA LEU B 415 -18.02 -24.54 -9.74
C LEU B 415 -17.03 -23.55 -9.11
N VAL B 416 -17.18 -22.29 -9.48
CA VAL B 416 -16.36 -21.20 -8.96
C VAL B 416 -17.27 -20.04 -8.60
N LYS B 417 -17.04 -19.43 -7.44
CA LYS B 417 -17.82 -18.29 -6.99
C LYS B 417 -16.88 -17.13 -6.68
N ILE B 418 -17.19 -15.96 -7.23
CA ILE B 418 -16.35 -14.77 -7.07
C ILE B 418 -17.22 -13.62 -6.62
N GLU B 419 -16.64 -12.72 -5.82
CA GLU B 419 -17.31 -11.51 -5.38
C GLU B 419 -16.29 -10.38 -5.32
N ILE B 420 -16.64 -9.23 -5.89
CA ILE B 420 -15.76 -8.08 -5.93
C ILE B 420 -16.52 -6.90 -5.33
N ASN B 421 -15.91 -6.25 -4.33
CA ASN B 421 -16.54 -5.15 -3.62
C ASN B 421 -15.55 -4.00 -3.46
N TYR B 422 -16.07 -2.78 -3.45
CA TYR B 422 -15.27 -1.63 -3.06
C TYR B 422 -15.03 -1.64 -1.56
N SER B 423 -13.85 -1.19 -1.15
CA SER B 423 -13.56 -1.10 0.26
C SER B 423 -14.35 0.05 0.88
N ASP B 424 -14.27 0.17 2.21
CA ASP B 424 -14.99 1.24 2.90
C ASP B 424 -14.39 2.61 2.60
N LEU B 425 -13.10 2.68 2.31
CA LEU B 425 -12.45 3.90 1.84
C LEU B 425 -12.47 3.85 0.31
N ASN B 426 -13.06 4.87 -0.31
CA ASN B 426 -13.33 4.79 -1.74
C ASN B 426 -12.07 5.09 -2.55
N TYR B 427 -11.51 6.29 -2.39
CA TYR B 427 -10.64 6.86 -3.42
C TYR B 427 -9.33 7.31 -2.81
N LYS B 428 -8.26 7.19 -3.60
CA LYS B 428 -6.95 7.69 -3.20
C LYS B 428 -6.23 8.15 -4.46
N ILE B 429 -5.58 9.31 -4.37
CA ILE B 429 -4.90 9.91 -5.51
C ILE B 429 -3.50 10.34 -5.11
N THR B 430 -2.55 10.15 -6.02
CA THR B 430 -1.18 10.62 -5.87
C THR B 430 -0.94 11.66 -6.96
N GLN B 431 -0.36 12.79 -6.57
CA GLN B 431 -0.15 13.89 -7.50
C GLN B 431 1.28 14.39 -7.38
N GLN B 432 1.92 14.65 -8.52
CA GLN B 432 3.28 15.19 -8.55
C GLN B 432 3.19 16.70 -8.75
N GLN B 433 3.73 17.45 -7.80
CA GLN B 433 3.63 18.90 -7.82
C GLN B 433 4.84 19.51 -8.52
N LYS B 434 4.60 20.63 -9.20
CA LYS B 434 5.70 21.46 -9.67
C LYS B 434 6.34 22.17 -8.48
N ALA B 435 7.55 21.75 -8.13
CA ALA B 435 8.19 22.31 -6.94
C ALA B 435 8.42 23.80 -7.10
N VAL B 436 8.52 24.30 -8.32
CA VAL B 436 8.87 25.69 -8.57
C VAL B 436 8.41 26.11 -9.95
N SER B 437 8.04 27.37 -10.07
CA SER B 437 7.86 28.05 -11.35
C SER B 437 8.71 29.32 -11.33
N VAL B 438 8.57 30.14 -12.38
CA VAL B 438 9.37 31.34 -12.47
C VAL B 438 9.14 32.24 -11.27
N SER B 439 7.88 32.40 -10.87
CA SER B 439 7.55 33.30 -9.76
C SER B 439 8.20 32.83 -8.47
N GLU B 440 8.16 31.52 -8.20
CA GLU B 440 8.68 31.02 -6.93
C GLU B 440 10.15 31.34 -6.77
N LEU B 441 10.96 31.10 -7.80
CA LEU B 441 12.38 31.40 -7.70
C LEU B 441 12.61 32.88 -7.45
N LEU B 442 11.85 33.74 -8.13
CA LEU B 442 11.97 35.17 -7.90
C LEU B 442 11.67 35.52 -6.45
N ALA B 443 10.66 34.87 -5.86
CA ALA B 443 10.34 35.11 -4.46
C ALA B 443 11.51 34.76 -3.56
N ASP B 444 12.15 33.62 -3.79
CA ASP B 444 13.33 33.27 -3.00
C ASP B 444 14.49 34.19 -3.32
N LEU B 445 14.63 34.60 -4.58
CA LEU B 445 15.73 35.46 -4.98
C LEU B 445 15.68 36.78 -4.22
N GLY B 446 14.49 37.39 -4.13
CA GLY B 446 14.38 38.65 -3.43
C GLY B 446 14.71 38.54 -1.96
N GLY B 447 14.18 37.50 -1.30
CA GLY B 447 14.46 37.32 0.12
C GLY B 447 15.94 37.08 0.39
N GLN B 448 16.57 36.20 -0.39
CA GLN B 448 17.99 35.95 -0.20
C GLN B 448 18.81 37.21 -0.47
N LEU B 449 18.48 37.94 -1.53
CA LEU B 449 19.19 39.18 -1.82
C LEU B 449 19.02 40.19 -0.70
N GLY B 450 17.80 40.33 -0.17
CA GLY B 450 17.55 41.30 0.88
C GLY B 450 18.15 40.89 2.22
N LEU B 451 18.41 39.59 2.39
CA LEU B 451 18.92 39.10 3.66
C LEU B 451 20.17 39.85 4.08
N PHE B 452 21.21 39.81 3.25
CA PHE B 452 22.50 40.41 3.61
C PHE B 452 22.63 41.83 3.07
N CYS B 453 22.57 42.00 1.75
CA CYS B 453 22.76 43.31 1.15
C CYS B 453 21.60 44.26 1.40
N GLY B 454 20.44 43.75 1.80
CA GLY B 454 19.29 44.59 2.04
C GLY B 454 18.93 45.40 0.81
N ALA B 455 18.90 44.73 -0.34
CA ALA B 455 18.71 45.40 -1.62
C ALA B 455 17.45 44.86 -2.28
N SER B 456 17.20 45.33 -3.50
CA SER B 456 16.05 44.89 -4.27
C SER B 456 16.34 45.17 -5.74
N LEU B 457 15.43 44.71 -6.59
CA LEU B 457 15.59 44.95 -8.03
C LEU B 457 15.67 46.44 -8.33
N ILE B 458 14.93 47.27 -7.59
CA ILE B 458 15.00 48.70 -7.80
C ILE B 458 16.41 49.21 -7.54
N THR B 459 17.04 48.74 -6.45
CA THR B 459 18.43 49.09 -6.20
C THR B 459 19.33 48.56 -7.30
N ILE B 460 19.07 47.34 -7.77
CA ILE B 460 19.85 46.81 -8.89
C ILE B 460 19.73 47.70 -10.12
N ILE B 461 18.51 48.18 -10.40
CA ILE B 461 18.33 49.12 -11.50
C ILE B 461 19.09 50.42 -11.24
N GLU B 462 19.03 50.93 -10.01
CA GLU B 462 19.77 52.14 -9.69
C GLU B 462 21.28 51.93 -9.84
N ILE B 463 21.78 50.79 -9.36
CA ILE B 463 23.19 50.48 -9.55
C ILE B 463 23.53 50.36 -11.03
N ILE B 464 22.66 49.71 -11.80
CA ILE B 464 22.89 49.60 -13.24
C ILE B 464 22.90 50.99 -13.89
N GLU B 465 21.98 51.87 -13.48
CA GLU B 465 21.94 53.21 -14.05
C GLU B 465 23.24 53.94 -13.78
N TYR B 466 23.79 53.81 -12.57
CA TYR B 466 25.07 54.42 -12.27
C TYR B 466 26.18 53.83 -13.15
N LEU B 467 26.16 52.51 -13.34
CA LEU B 467 27.17 51.88 -14.18
C LEU B 467 27.05 52.33 -15.63
N PHE B 468 25.82 52.48 -16.13
CA PHE B 468 25.63 52.86 -17.53
C PHE B 468 26.28 54.19 -17.84
N THR B 469 26.19 55.16 -16.93
CA THR B 469 26.86 56.44 -17.15
C THR B 469 28.37 56.28 -17.21
N ASN B 470 28.94 55.48 -16.32
CA ASN B 470 30.39 55.27 -16.31
C ASN B 470 30.85 54.55 -17.57
N PHE B 471 30.10 53.54 -18.02
CA PHE B 471 30.46 52.79 -19.21
C PHE B 471 30.45 53.69 -20.44
N ASP C 38 8.94 70.41 1.18
CA ASP C 38 8.22 69.81 0.02
C ASP C 38 8.99 68.61 -0.52
N HIS C 39 10.18 68.86 -1.07
CA HIS C 39 10.98 67.79 -1.65
C HIS C 39 11.33 66.71 -0.64
N ASP C 40 11.28 67.02 0.66
CA ASP C 40 11.60 66.02 1.66
C ASP C 40 10.68 64.81 1.57
N PHE C 41 9.45 65.02 1.11
CA PHE C 41 8.51 63.90 1.00
C PHE C 41 9.03 62.84 0.04
N ALA C 42 9.52 63.26 -1.13
CA ALA C 42 10.06 62.31 -2.09
C ALA C 42 11.45 61.82 -1.70
N ILE C 43 12.27 62.71 -1.11
CA ILE C 43 13.63 62.34 -0.76
C ILE C 43 13.69 61.48 0.49
N SER C 44 12.74 61.66 1.42
CA SER C 44 12.79 60.99 2.71
C SER C 44 12.06 59.66 2.74
N THR C 45 11.15 59.41 1.80
CA THR C 45 10.43 58.15 1.79
C THR C 45 11.42 57.00 1.62
N SER C 46 11.60 56.22 2.68
CA SER C 46 12.69 55.26 2.75
C SER C 46 12.50 54.08 1.81
N PHE C 47 11.32 53.89 1.24
CA PHE C 47 11.15 52.86 0.23
C PHE C 47 12.14 53.12 -0.91
N HIS C 48 12.79 52.04 -1.37
CA HIS C 48 13.78 52.19 -2.42
C HIS C 48 13.21 52.95 -3.60
N GLY C 49 12.05 52.52 -4.09
CA GLY C 49 11.20 53.34 -4.93
C GLY C 49 11.93 54.22 -5.91
N ILE C 50 11.75 55.53 -5.79
CA ILE C 50 12.42 56.49 -6.66
C ILE C 50 12.62 57.78 -5.89
N HIS C 51 13.82 57.98 -5.35
CA HIS C 51 14.12 59.23 -4.66
C HIS C 51 14.38 60.37 -5.63
N ASN C 52 14.96 60.07 -6.79
CA ASN C 52 15.41 61.09 -7.74
C ASN C 52 14.41 61.36 -8.85
N ILE C 53 13.11 61.25 -8.57
CA ILE C 53 12.11 61.61 -9.57
C ILE C 53 12.27 63.08 -9.97
N VAL C 54 12.40 63.95 -8.98
CA VAL C 54 12.60 65.38 -9.21
C VAL C 54 14.00 65.82 -8.83
N GLN C 55 14.64 65.13 -7.89
CA GLN C 55 15.98 65.50 -7.47
C GLN C 55 17.02 65.26 -8.56
N ASN C 56 16.70 64.44 -9.55
CA ASN C 56 17.62 64.20 -10.65
C ASN C 56 17.92 65.48 -11.42
N ARG C 57 16.97 66.41 -11.49
CA ARG C 57 17.15 67.67 -12.22
C ARG C 57 17.46 67.42 -13.68
N SER C 58 16.88 66.36 -14.26
CA SER C 58 17.06 66.04 -15.66
C SER C 58 15.79 65.36 -16.16
N LYS C 59 15.43 65.64 -17.41
CA LYS C 59 14.19 65.11 -17.96
C LYS C 59 14.25 63.59 -18.11
N ILE C 60 15.31 63.09 -18.74
CA ILE C 60 15.42 61.66 -18.99
C ILE C 60 15.48 60.89 -17.67
N ARG C 61 16.28 61.38 -16.71
CA ARG C 61 16.41 60.71 -15.43
C ARG C 61 15.08 60.72 -14.68
N ARG C 62 14.38 61.87 -14.70
CA ARG C 62 13.09 61.95 -14.02
C ARG C 62 12.08 60.98 -14.61
N VAL C 63 12.00 60.92 -15.95
CA VAL C 63 11.08 60.00 -16.58
C VAL C 63 11.41 58.55 -16.25
N LEU C 64 12.70 58.19 -16.30
CA LEU C 64 13.09 56.83 -15.98
C LEU C 64 12.75 56.48 -14.54
N TRP C 65 13.01 57.42 -13.62
CA TRP C 65 12.74 57.15 -12.21
C TRP C 65 11.26 56.97 -11.96
N LEU C 66 10.42 57.80 -12.60
CA LEU C 66 8.98 57.66 -12.46
C LEU C 66 8.51 56.33 -13.02
N VAL C 67 9.02 55.93 -14.18
CA VAL C 67 8.63 54.65 -14.76
C VAL C 67 9.00 53.50 -13.84
N VAL C 68 10.20 53.54 -13.26
CA VAL C 68 10.62 52.49 -12.34
C VAL C 68 9.70 52.45 -11.13
N VAL C 69 9.40 53.62 -10.56
CA VAL C 69 8.54 53.66 -9.39
C VAL C 69 7.19 53.05 -9.69
N LEU C 70 6.61 53.36 -10.85
CA LEU C 70 5.32 52.78 -11.21
C LEU C 70 5.43 51.27 -11.37
N GLY C 71 6.41 50.80 -12.16
CA GLY C 71 6.46 49.40 -12.53
C GLY C 71 6.74 48.48 -11.35
N SER C 72 7.65 48.88 -10.47
CA SER C 72 7.98 48.02 -9.34
C SER C 72 6.75 47.74 -8.49
N VAL C 73 6.01 48.79 -8.11
CA VAL C 73 4.83 48.60 -7.28
C VAL C 73 3.74 47.88 -8.05
N SER C 74 3.62 48.12 -9.36
CA SER C 74 2.63 47.38 -10.13
C SER C 74 2.88 45.87 -10.05
N LEU C 75 4.12 45.45 -10.32
CA LEU C 75 4.45 44.04 -10.24
C LEU C 75 4.22 43.51 -8.82
N VAL C 76 4.63 44.29 -7.82
CA VAL C 76 4.49 43.83 -6.43
C VAL C 76 3.03 43.60 -6.10
N THR C 77 2.16 44.56 -6.44
CA THR C 77 0.75 44.42 -6.10
C THR C 77 0.12 43.26 -6.86
N TRP C 78 0.48 43.06 -8.13
CA TRP C 78 -0.04 41.91 -8.86
C TRP C 78 0.35 40.61 -8.16
N GLN C 79 1.63 40.49 -7.79
CA GLN C 79 2.10 39.27 -7.15
C GLN C 79 1.40 39.05 -5.81
N ILE C 80 1.22 40.11 -5.03
CA ILE C 80 0.60 39.95 -3.72
C ILE C 80 -0.87 39.58 -3.86
N TYR C 81 -1.56 40.16 -4.84
CA TYR C 81 -2.94 39.76 -5.09
C TYR C 81 -3.01 38.29 -5.44
N ILE C 82 -2.11 37.84 -6.32
CA ILE C 82 -2.09 36.42 -6.67
C ILE C 82 -1.86 35.57 -5.43
N ARG C 83 -0.92 35.97 -4.58
CA ARG C 83 -0.58 35.20 -3.40
C ARG C 83 -1.77 35.11 -2.44
N LEU C 84 -2.47 36.23 -2.23
CA LEU C 84 -3.66 36.19 -1.38
C LEU C 84 -4.72 35.28 -1.98
N LEU C 85 -4.88 35.33 -3.31
CA LEU C 85 -5.84 34.45 -3.96
C LEU C 85 -5.49 32.99 -3.70
N ASN C 86 -4.22 32.62 -3.81
CA ASN C 86 -3.83 31.24 -3.53
C ASN C 86 -4.09 30.89 -2.07
N TYR C 87 -3.76 31.81 -1.16
CA TYR C 87 -4.01 31.54 0.26
C TYR C 87 -5.47 31.22 0.50
N PHE C 88 -6.37 32.03 -0.07
CA PHE C 88 -7.79 31.82 0.18
C PHE C 88 -8.30 30.47 -0.31
N THR C 89 -7.46 29.69 -1.01
CA THR C 89 -7.81 28.31 -1.33
C THR C 89 -7.62 27.37 -0.15
N TRP C 90 -6.97 27.82 0.91
CA TRP C 90 -6.70 26.99 2.09
C TRP C 90 -5.91 25.75 1.68
N PRO C 91 -4.71 25.92 1.12
CA PRO C 91 -3.95 24.76 0.65
C PRO C 91 -3.49 23.88 1.80
N THR C 92 -3.16 22.64 1.45
CA THR C 92 -2.68 21.66 2.42
C THR C 92 -1.66 20.75 1.76
N THR C 93 -0.83 20.15 2.59
CA THR C 93 0.14 19.16 2.15
C THR C 93 0.14 18.01 3.17
N THR C 94 0.52 16.83 2.70
CA THR C 94 0.49 15.62 3.53
C THR C 94 1.89 15.05 3.65
N SER C 95 2.13 14.33 4.74
CA SER C 95 3.42 13.72 5.00
C SER C 95 3.23 12.29 5.48
N ILE C 96 4.25 11.47 5.24
CA ILE C 96 4.24 10.04 5.60
C ILE C 96 5.45 9.77 6.47
N GLU C 97 5.24 9.07 7.58
CA GLU C 97 6.34 8.77 8.49
C GLU C 97 6.11 7.37 9.07
N VAL C 98 7.20 6.73 9.51
CA VAL C 98 7.12 5.36 10.01
C VAL C 98 7.82 5.25 11.36
N GLN C 99 7.05 5.24 12.44
CA GLN C 99 7.61 5.14 13.78
C GLN C 99 7.58 3.70 14.29
N TYR C 100 8.27 3.49 15.41
CA TYR C 100 8.34 2.20 16.07
C TYR C 100 8.44 2.41 17.57
N VAL C 101 7.95 1.42 18.32
CA VAL C 101 7.88 1.51 19.77
C VAL C 101 8.40 0.22 20.37
N GLU C 102 8.73 0.27 21.66
CA GLU C 102 9.20 -0.94 22.34
C GLU C 102 8.12 -2.01 22.34
N LYS C 103 6.87 -1.62 22.58
CA LYS C 103 5.75 -2.53 22.51
C LYS C 103 4.53 -1.76 22.04
N MET C 104 3.55 -2.48 21.52
CA MET C 104 2.42 -1.86 20.85
C MET C 104 1.14 -2.62 21.16
N GLU C 105 0.02 -1.93 21.02
CA GLU C 105 -1.29 -2.52 21.32
C GLU C 105 -1.73 -3.42 20.17
N PHE C 106 -2.19 -4.61 20.50
CA PHE C 106 -2.70 -5.53 19.49
C PHE C 106 -4.16 -5.24 19.21
N PRO C 107 -4.54 -4.98 17.96
CA PRO C 107 -5.94 -4.61 17.69
C PRO C 107 -6.89 -5.75 18.00
N ALA C 108 -8.09 -5.37 18.41
CA ALA C 108 -9.13 -6.35 18.72
C ALA C 108 -9.57 -7.06 17.45
N VAL C 109 -9.95 -8.32 17.60
CA VAL C 109 -10.44 -9.13 16.51
C VAL C 109 -11.77 -9.74 16.91
N THR C 110 -12.64 -9.95 15.92
CA THR C 110 -13.95 -10.53 16.17
C THR C 110 -14.22 -11.60 15.13
N PHE C 111 -14.96 -12.63 15.52
CA PHE C 111 -15.19 -13.80 14.68
C PHE C 111 -16.67 -14.13 14.64
N CYS C 112 -17.08 -14.76 13.53
CA CYS C 112 -18.44 -15.25 13.37
C CYS C 112 -18.40 -16.49 12.49
N ASN C 113 -19.42 -17.32 12.64
CA ASN C 113 -19.54 -18.56 11.87
C ASN C 113 -20.43 -18.31 10.66
N LEU C 114 -19.98 -18.76 9.49
CA LEU C 114 -20.76 -18.56 8.28
C LEU C 114 -22.03 -19.39 8.26
N ASN C 115 -22.17 -20.36 9.17
CA ASN C 115 -23.43 -21.04 9.43
C ASN C 115 -23.95 -20.53 10.77
N ARG C 116 -25.12 -19.90 10.76
CA ARG C 116 -25.50 -19.03 11.86
C ARG C 116 -26.40 -19.70 12.89
N PHE C 117 -27.03 -20.82 12.58
CA PHE C 117 -28.06 -21.37 13.43
C PHE C 117 -27.81 -22.84 13.71
N GLN C 118 -28.11 -23.26 14.94
CA GLN C 118 -28.02 -24.67 15.30
C GLN C 118 -29.05 -25.47 14.51
N THR C 119 -28.62 -26.61 13.98
CA THR C 119 -29.43 -27.32 12.99
C THR C 119 -30.78 -27.75 13.56
N ASP C 120 -30.80 -28.27 14.78
CA ASP C 120 -32.05 -28.80 15.32
C ASP C 120 -33.08 -27.70 15.51
N ALA C 121 -32.68 -26.56 16.06
CA ALA C 121 -33.64 -25.50 16.34
C ALA C 121 -34.26 -24.95 15.06
N VAL C 122 -33.60 -25.16 13.92
CA VAL C 122 -34.11 -24.64 12.66
C VAL C 122 -34.82 -25.72 11.84
N ALA C 123 -34.65 -26.99 12.22
CA ALA C 123 -35.18 -28.08 11.40
C ALA C 123 -36.68 -27.93 11.17
N LYS C 124 -37.44 -27.65 12.23
CA LYS C 124 -38.88 -27.54 12.15
C LYS C 124 -39.37 -26.10 12.20
N PHE C 125 -38.48 -25.13 12.01
CA PHE C 125 -38.83 -23.73 12.23
C PHE C 125 -38.27 -22.84 11.11
N GLY C 126 -38.44 -23.25 9.86
CA GLY C 126 -37.81 -22.59 8.73
C GLY C 126 -38.11 -21.11 8.61
N VAL C 127 -39.27 -20.70 9.11
CA VAL C 127 -39.66 -19.28 9.02
C VAL C 127 -38.61 -18.40 9.66
N ILE C 128 -37.79 -18.98 10.55
CA ILE C 128 -36.79 -18.21 11.28
C ILE C 128 -35.84 -17.53 10.31
N PHE C 129 -35.51 -18.18 9.20
CA PHE C 129 -34.58 -17.58 8.25
C PHE C 129 -35.09 -16.24 7.77
N PHE C 130 -36.33 -16.19 7.28
CA PHE C 130 -36.88 -14.95 6.76
C PHE C 130 -37.11 -13.95 7.88
N LEU C 131 -37.49 -14.42 9.07
CA LEU C 131 -37.64 -13.51 10.20
C LEU C 131 -36.33 -12.79 10.49
N TRP C 132 -35.23 -13.56 10.57
CA TRP C 132 -33.94 -12.95 10.84
C TRP C 132 -33.50 -12.03 9.71
N HIS C 133 -33.78 -12.43 8.47
CA HIS C 133 -33.47 -11.55 7.34
C HIS C 133 -34.16 -10.21 7.48
N ILE C 134 -35.46 -10.24 7.79
CA ILE C 134 -36.22 -9.00 7.94
C ILE C 134 -35.62 -8.17 9.05
N VAL C 135 -35.34 -8.79 10.20
CA VAL C 135 -34.84 -8.03 11.34
C VAL C 135 -33.46 -7.45 11.03
N SER C 136 -32.64 -8.18 10.28
CA SER C 136 -31.29 -7.75 9.98
C SER C 136 -31.25 -6.75 8.83
N LYS C 137 -32.36 -6.54 8.14
CA LYS C 137 -32.40 -5.47 7.14
C LYS C 137 -31.87 -4.17 7.69
N VAL C 138 -31.94 -3.96 9.01
CA VAL C 138 -31.41 -2.74 9.60
C VAL C 138 -29.94 -2.58 9.27
N LEU C 139 -29.20 -3.68 9.21
CA LEU C 139 -27.77 -3.65 8.91
C LEU C 139 -27.47 -3.98 7.45
N HIS C 140 -27.95 -5.11 6.95
CA HIS C 140 -27.50 -5.55 5.63
C HIS C 140 -28.13 -4.76 4.49
N LEU C 141 -29.24 -4.06 4.75
CA LEU C 141 -29.83 -3.14 3.77
C LEU C 141 -29.95 -3.80 2.39
N GLN C 142 -30.49 -5.01 2.37
CA GLN C 142 -30.68 -5.76 1.15
C GLN C 142 -32.17 -6.03 0.98
N GLU C 143 -32.73 -5.62 -0.15
CA GLU C 143 -34.17 -5.62 -0.33
C GLU C 143 -34.72 -7.04 -0.45
N ILE C 144 -35.95 -7.21 0.03
CA ILE C 144 -36.63 -8.50 0.01
C ILE C 144 -37.75 -8.44 -1.01
N THR C 145 -37.82 -9.46 -1.87
CA THR C 145 -38.89 -9.52 -2.87
C THR C 145 -40.23 -9.60 -2.17
N ALA C 146 -41.11 -8.65 -2.47
CA ALA C 146 -42.40 -8.59 -1.80
C ALA C 146 -43.28 -9.77 -2.20
N ASN C 147 -44.14 -10.17 -1.27
CA ASN C 147 -45.11 -11.25 -1.50
C ASN C 147 -44.44 -12.59 -1.76
N SER C 148 -43.16 -12.71 -1.47
CA SER C 148 -42.48 -14.00 -1.60
C SER C 148 -43.02 -14.98 -0.56
N THR C 149 -43.00 -16.26 -0.92
CA THR C 149 -43.55 -17.28 -0.04
C THR C 149 -42.97 -17.16 1.36
N GLY C 150 -41.65 -17.03 1.46
CA GLY C 150 -41.04 -16.83 2.77
C GLY C 150 -41.54 -15.57 3.44
N SER C 151 -41.61 -14.47 2.69
CA SER C 151 -42.11 -13.22 3.26
C SER C 151 -43.56 -13.37 3.72
N ARG C 152 -44.39 -14.03 2.91
CA ARG C 152 -45.78 -14.23 3.29
C ARG C 152 -45.89 -15.02 4.58
N GLU C 153 -45.17 -16.14 4.66
CA GLU C 153 -45.24 -16.98 5.85
C GLU C 153 -44.70 -16.24 7.07
N ALA C 154 -43.61 -15.49 6.89
CA ALA C 154 -43.05 -14.73 8.01
C ALA C 154 -44.03 -13.67 8.50
N THR C 155 -44.70 -12.99 7.57
CA THR C 155 -45.70 -12.01 7.98
C THR C 155 -46.84 -12.67 8.73
N ASP C 156 -47.27 -13.85 8.26
CA ASP C 156 -48.32 -14.57 8.96
C ASP C 156 -47.89 -14.91 10.38
N PHE C 157 -46.66 -15.42 10.54
CA PHE C 157 -46.18 -15.77 11.87
C PHE C 157 -46.09 -14.54 12.76
N ALA C 158 -45.57 -13.43 12.22
CA ALA C 158 -45.46 -12.20 13.00
C ALA C 158 -46.83 -11.72 13.45
N ALA C 159 -47.84 -11.83 12.58
CA ALA C 159 -49.19 -11.52 12.98
C ALA C 159 -49.70 -12.47 14.06
N SER C 160 -49.27 -13.73 14.01
CA SER C 160 -49.77 -14.72 14.97
C SER C 160 -49.04 -14.61 16.31
N HIS C 161 -47.74 -14.86 16.31
CA HIS C 161 -46.96 -14.92 17.55
C HIS C 161 -46.35 -13.57 17.88
N GLN C 162 -47.23 -12.64 18.31
CA GLN C 162 -46.80 -11.28 18.57
C GLN C 162 -45.79 -11.21 19.72
N ASN C 163 -45.94 -12.06 20.73
CA ASN C 163 -45.11 -12.00 21.92
C ASN C 163 -43.81 -12.79 21.79
N PHE C 164 -43.57 -13.42 20.65
CA PHE C 164 -42.33 -14.17 20.45
C PHE C 164 -41.13 -13.22 20.48
N SER C 165 -40.05 -13.67 21.10
CA SER C 165 -38.84 -12.86 21.28
C SER C 165 -37.76 -13.39 20.34
N ILE C 166 -37.53 -12.66 19.24
CA ILE C 166 -36.51 -13.07 18.28
C ILE C 166 -35.12 -12.96 18.89
N VAL C 167 -34.87 -11.88 19.63
CA VAL C 167 -33.52 -11.64 20.14
C VAL C 167 -33.11 -12.76 21.09
N GLU C 168 -34.00 -13.15 22.00
CA GLU C 168 -33.68 -14.27 22.89
C GLU C 168 -33.39 -15.52 22.08
N PHE C 169 -34.19 -15.77 21.05
CA PHE C 169 -33.99 -16.97 20.23
C PHE C 169 -32.60 -16.97 19.60
N ILE C 170 -32.21 -15.86 18.97
CA ILE C 170 -30.91 -15.82 18.31
C ILE C 170 -29.79 -15.94 19.34
N ARG C 171 -29.96 -15.34 20.51
CA ARG C 171 -28.94 -15.47 21.54
C ARG C 171 -28.76 -16.91 21.97
N ASN C 172 -29.87 -17.61 22.23
CA ASN C 172 -29.78 -18.96 22.77
C ASN C 172 -29.34 -19.96 21.71
N LYS C 173 -29.91 -19.88 20.51
CA LYS C 173 -29.74 -20.92 19.50
C LYS C 173 -28.69 -20.58 18.46
N GLY C 174 -28.00 -19.45 18.59
CA GLY C 174 -27.00 -19.05 17.63
C GLY C 174 -25.68 -19.74 17.87
N PHE C 175 -24.65 -19.21 17.20
CA PHE C 175 -23.31 -19.73 17.39
C PHE C 175 -22.84 -19.50 18.82
N TYR C 176 -21.87 -20.29 19.26
CA TYR C 176 -21.41 -20.22 20.64
C TYR C 176 -19.98 -20.73 20.74
N LEU C 177 -19.20 -20.09 21.60
CA LEU C 177 -17.82 -20.49 21.86
C LEU C 177 -17.79 -21.44 23.05
N ASN C 178 -17.12 -22.57 22.88
CA ASN C 178 -17.07 -23.60 23.91
C ASN C 178 -15.92 -24.53 23.60
N ASN C 179 -15.48 -25.26 24.62
CA ASN C 179 -14.43 -26.25 24.42
C ASN C 179 -14.72 -27.16 23.24
N SER C 180 -16.00 -27.35 22.91
CA SER C 180 -16.36 -28.15 21.74
C SER C 180 -16.20 -27.39 20.44
N THR C 181 -15.96 -26.10 20.51
CA THR C 181 -15.85 -25.27 19.30
C THR C 181 -14.48 -24.64 19.13
N LEU C 182 -13.94 -24.03 20.18
CA LEU C 182 -12.62 -23.39 20.12
C LEU C 182 -11.61 -24.35 20.71
N LEU C 183 -11.11 -25.26 19.86
CA LEU C 183 -10.25 -26.33 20.36
C LEU C 183 -8.96 -25.80 20.96
N ASP C 184 -8.33 -24.80 20.34
CA ASP C 184 -7.07 -24.27 20.84
C ASP C 184 -6.99 -22.79 20.51
N CYS C 185 -6.22 -22.06 21.31
CA CYS C 185 -6.04 -20.64 21.10
C CYS C 185 -4.92 -20.13 22.00
N GLU C 186 -4.03 -19.32 21.45
CA GLU C 186 -2.91 -18.77 22.20
C GLU C 186 -2.66 -17.35 21.73
N PHE C 187 -2.02 -16.56 22.58
CA PHE C 187 -1.81 -15.14 22.33
C PHE C 187 -0.44 -14.74 22.84
N PHE C 188 0.48 -14.46 21.93
CA PHE C 188 1.85 -14.11 22.30
C PHE C 188 2.44 -15.16 23.24
N GLY C 189 2.16 -16.43 22.95
CA GLY C 189 2.69 -17.52 23.72
C GLY C 189 1.94 -17.82 25.00
N LYS C 190 0.88 -17.07 25.31
CA LYS C 190 0.08 -17.34 26.50
C LYS C 190 -1.22 -18.01 26.14
N PRO C 191 -1.58 -19.14 26.76
CA PRO C 191 -2.88 -19.76 26.44
C PRO C 191 -4.03 -18.83 26.79
N CYS C 192 -5.10 -18.95 26.03
CA CYS C 192 -6.32 -18.19 26.26
C CYS C 192 -7.51 -19.14 26.21
N SER C 193 -8.60 -18.74 26.85
CA SER C 193 -9.76 -19.58 27.07
C SER C 193 -10.99 -18.88 26.54
N PRO C 194 -12.05 -19.62 26.21
CA PRO C 194 -13.27 -18.98 25.71
C PRO C 194 -13.75 -17.83 26.57
N LYS C 195 -13.51 -17.90 27.88
CA LYS C 195 -13.96 -16.83 28.77
C LYS C 195 -13.33 -15.49 28.43
N ASP C 196 -12.23 -15.48 27.69
CA ASP C 196 -11.57 -14.23 27.33
C ASP C 196 -12.32 -13.45 26.26
N PHE C 197 -13.19 -14.10 25.49
CA PHE C 197 -13.93 -13.41 24.45
C PHE C 197 -15.14 -12.69 25.04
N ALA C 198 -15.75 -11.84 24.21
CA ALA C 198 -16.94 -11.10 24.58
C ALA C 198 -17.99 -11.23 23.48
N HIS C 199 -19.25 -11.24 23.88
CA HIS C 199 -20.35 -11.46 22.95
C HIS C 199 -20.68 -10.18 22.19
N VAL C 200 -21.13 -10.35 20.95
CA VAL C 200 -21.54 -9.24 20.10
C VAL C 200 -22.59 -9.73 19.12
N PHE C 201 -23.50 -8.84 18.75
CA PHE C 201 -24.56 -9.15 17.79
C PHE C 201 -24.25 -8.52 16.44
N THR C 202 -24.34 -9.33 15.39
CA THR C 202 -24.19 -8.86 14.02
C THR C 202 -25.14 -9.64 13.13
N GLU C 203 -25.15 -9.29 11.84
CA GLU C 203 -26.05 -9.94 10.91
C GLU C 203 -25.84 -11.44 10.84
N TYR C 204 -24.66 -11.92 11.21
CA TYR C 204 -24.39 -13.35 11.25
C TYR C 204 -24.77 -13.99 12.58
N GLY C 205 -25.50 -13.29 13.42
CA GLY C 205 -25.91 -13.85 14.69
C GLY C 205 -24.89 -13.55 15.75
N ASN C 206 -24.64 -14.51 16.64
CA ASN C 206 -23.66 -14.32 17.69
C ASN C 206 -22.28 -14.15 17.09
N CYS C 207 -21.54 -13.15 17.58
CA CYS C 207 -20.17 -12.94 17.18
C CYS C 207 -19.35 -12.60 18.42
N PHE C 208 -18.09 -13.00 18.40
CA PHE C 208 -17.23 -12.93 19.58
C PHE C 208 -16.01 -12.10 19.26
N THR C 209 -15.69 -11.17 20.16
CA THR C 209 -14.51 -10.32 20.02
C THR C 209 -13.38 -10.83 20.89
N PHE C 210 -12.16 -10.36 20.60
CA PHE C 210 -10.99 -10.72 21.37
C PHE C 210 -10.16 -9.48 21.65
N ASN C 211 -9.56 -9.44 22.84
CA ASN C 211 -8.76 -8.31 23.29
C ASN C 211 -9.58 -7.03 23.33
N HIS C 212 -10.89 -7.16 23.51
CA HIS C 212 -11.77 -6.00 23.61
C HIS C 212 -11.36 -5.12 24.77
N GLY C 213 -11.90 -3.90 24.78
CA GLY C 213 -11.60 -2.95 25.83
C GLY C 213 -12.01 -3.45 27.21
N VAL C 224 5.76 -6.26 19.62
CA VAL C 224 6.84 -7.17 19.27
C VAL C 224 6.54 -7.83 17.93
N SER C 225 7.58 -8.09 17.16
CA SER C 225 7.40 -8.63 15.81
C SER C 225 7.22 -10.14 15.84
N GLY C 226 6.67 -10.67 14.75
CA GLY C 226 6.54 -12.10 14.58
C GLY C 226 5.41 -12.72 15.39
N ARG C 227 5.45 -12.53 16.70
CA ARG C 227 4.46 -13.16 17.56
C ARG C 227 3.07 -12.57 17.31
N GLY C 228 2.05 -13.33 17.68
CA GLY C 228 0.69 -12.90 17.46
C GLY C 228 -0.36 -13.87 17.98
N LEU C 229 -1.56 -13.80 17.41
CA LEU C 229 -2.71 -14.57 17.85
C LEU C 229 -2.83 -15.83 17.00
N SER C 230 -3.13 -16.96 17.64
CA SER C 230 -3.31 -18.24 16.97
C SER C 230 -4.60 -18.88 17.46
N LEU C 231 -5.31 -19.55 16.55
CA LEU C 231 -6.60 -20.13 16.87
C LEU C 231 -6.79 -21.42 16.08
N LEU C 232 -7.73 -22.24 16.53
CA LEU C 232 -8.12 -23.47 15.84
C LEU C 232 -9.59 -23.71 16.11
N PHE C 233 -10.46 -23.26 15.21
CA PHE C 233 -11.90 -23.42 15.36
C PHE C 233 -12.35 -24.80 14.92
N ASN C 234 -13.51 -25.20 15.43
CA ASN C 234 -14.22 -26.38 14.95
C ASN C 234 -15.59 -25.94 14.50
N VAL C 235 -15.72 -25.58 13.22
CA VAL C 235 -16.97 -25.05 12.72
C VAL C 235 -18.12 -26.04 12.91
N ASN C 236 -17.83 -27.33 13.05
CA ASN C 236 -18.85 -28.33 13.30
C ASN C 236 -20.00 -28.19 12.29
N GLN C 237 -19.65 -28.36 11.02
CA GLN C 237 -20.59 -28.12 9.93
C GLN C 237 -21.82 -28.99 10.02
N GLU C 238 -21.77 -30.12 10.72
CA GLU C 238 -22.95 -30.95 10.90
C GLU C 238 -23.92 -30.38 11.91
N ALA C 239 -23.43 -29.69 12.94
CA ALA C 239 -24.27 -29.16 14.00
C ALA C 239 -24.91 -27.83 13.66
N PHE C 240 -24.19 -26.96 12.95
CA PHE C 240 -24.72 -25.68 12.51
C PHE C 240 -25.16 -25.78 11.05
N THR C 241 -26.12 -24.96 10.67
CA THR C 241 -26.65 -25.00 9.32
C THR C 241 -27.19 -23.62 8.95
N ASP C 242 -27.48 -23.44 7.67
CA ASP C 242 -28.00 -22.19 7.17
C ASP C 242 -28.79 -22.43 5.89
N ASN C 243 -29.60 -21.45 5.52
CA ASN C 243 -30.41 -21.54 4.31
C ASN C 243 -29.55 -21.29 3.08
N PRO C 244 -29.48 -22.24 2.14
CA PRO C 244 -28.77 -21.96 0.89
C PRO C 244 -29.57 -21.09 -0.05
N ALA C 245 -30.89 -21.24 -0.08
CA ALA C 245 -31.70 -20.46 -1.01
C ALA C 245 -31.49 -18.96 -0.81
N LEU C 246 -31.12 -18.55 0.40
CA LEU C 246 -30.81 -17.14 0.65
C LEU C 246 -29.40 -16.77 0.24
N GLY C 247 -28.62 -17.72 -0.29
CA GLY C 247 -27.28 -17.44 -0.76
C GLY C 247 -26.17 -17.83 0.18
N PHE C 248 -26.48 -18.13 1.44
CA PHE C 248 -25.46 -18.50 2.42
C PHE C 248 -24.98 -19.93 2.14
N VAL C 249 -24.15 -20.06 1.11
CA VAL C 249 -23.75 -21.39 0.63
C VAL C 249 -22.38 -21.78 1.15
N ASP C 250 -21.50 -20.81 1.36
CA ASP C 250 -20.12 -21.11 1.74
C ASP C 250 -20.02 -21.48 3.21
N ALA C 251 -18.97 -22.23 3.54
CA ALA C 251 -18.66 -22.61 4.92
C ALA C 251 -17.26 -22.13 5.26
N GLY C 252 -17.10 -21.68 6.49
CA GLY C 252 -15.82 -21.14 6.93
C GLY C 252 -16.05 -20.08 7.99
N ILE C 253 -14.96 -19.44 8.38
CA ILE C 253 -14.95 -18.45 9.45
C ILE C 253 -14.77 -17.07 8.83
N ILE C 254 -15.59 -16.12 9.27
CA ILE C 254 -15.52 -14.73 8.81
C ILE C 254 -15.13 -13.87 9.99
N PHE C 255 -14.08 -13.07 9.82
CA PHE C 255 -13.57 -12.24 10.90
C PHE C 255 -13.15 -10.90 10.34
N VAL C 256 -13.13 -9.90 11.22
CA VAL C 256 -12.73 -8.54 10.84
C VAL C 256 -11.84 -7.98 11.94
N ILE C 257 -10.93 -7.09 11.55
CA ILE C 257 -9.98 -6.47 12.46
C ILE C 257 -10.36 -5.01 12.63
N HIS C 258 -10.38 -4.55 13.88
CA HIS C 258 -10.79 -3.19 14.17
C HIS C 258 -10.16 -2.75 15.49
N SER C 259 -10.05 -1.44 15.66
CA SER C 259 -9.53 -0.90 16.91
C SER C 259 -10.50 -1.23 18.04
N PRO C 260 -10.01 -1.43 19.26
CA PRO C 260 -10.91 -1.83 20.35
C PRO C 260 -12.07 -0.88 20.57
N LYS C 261 -11.86 0.43 20.42
CA LYS C 261 -12.94 1.37 20.64
C LYS C 261 -14.06 1.18 19.64
N LYS C 262 -13.77 0.61 18.49
CA LYS C 262 -14.74 0.55 17.40
C LYS C 262 -15.76 -0.55 17.63
N VAL C 263 -16.79 -0.52 16.78
CA VAL C 263 -17.77 -1.60 16.68
C VAL C 263 -17.55 -2.27 15.32
N PRO C 264 -17.50 -3.60 15.25
CA PRO C 264 -17.22 -4.24 13.96
C PRO C 264 -18.33 -3.96 12.96
N GLN C 265 -17.94 -3.98 11.68
CA GLN C 265 -18.83 -3.61 10.58
C GLN C 265 -19.29 -4.78 9.73
N PHE C 266 -18.39 -5.65 9.30
CA PHE C 266 -18.74 -6.71 8.38
C PHE C 266 -19.40 -6.12 7.13
N ASP C 267 -20.65 -6.50 6.86
CA ASP C 267 -21.37 -6.00 5.69
C ASP C 267 -20.56 -6.23 4.42
N GLY C 268 -19.91 -7.38 4.36
CA GLY C 268 -19.09 -7.73 3.21
C GLY C 268 -17.67 -7.21 3.25
N LEU C 269 -17.30 -6.42 4.25
CA LEU C 269 -15.93 -5.94 4.36
C LEU C 269 -15.06 -6.83 5.23
N GLY C 270 -15.62 -7.89 5.81
CA GLY C 270 -14.84 -8.76 6.65
C GLY C 270 -14.08 -9.80 5.83
N LEU C 271 -12.96 -10.26 6.39
CA LEU C 271 -12.15 -11.26 5.72
C LEU C 271 -12.76 -12.64 5.92
N LEU C 272 -12.15 -13.63 5.26
CA LEU C 272 -12.64 -15.00 5.29
C LEU C 272 -11.49 -15.97 5.50
N SER C 273 -11.82 -17.21 5.83
CA SER C 273 -10.86 -18.28 5.97
C SER C 273 -11.56 -19.61 5.72
N PRO C 274 -11.01 -20.45 4.85
CA PRO C 274 -11.72 -21.66 4.45
C PRO C 274 -11.49 -22.82 5.40
N VAL C 275 -12.26 -23.88 5.19
CA VAL C 275 -12.16 -25.09 6.00
C VAL C 275 -11.05 -25.97 5.45
N GLY C 276 -10.25 -26.52 6.34
CA GLY C 276 -9.20 -27.43 5.96
C GLY C 276 -7.91 -26.78 5.51
N MET C 277 -7.72 -25.50 5.78
CA MET C 277 -6.50 -24.80 5.40
C MET C 277 -6.06 -23.87 6.52
N HIS C 278 -4.76 -23.87 6.80
CA HIS C 278 -4.18 -22.97 7.79
C HIS C 278 -3.89 -21.63 7.13
N ALA C 279 -4.56 -20.59 7.58
CA ALA C 279 -4.44 -19.26 6.98
C ALA C 279 -3.57 -18.39 7.87
N ARG C 280 -2.54 -17.79 7.27
CA ARG C 280 -1.66 -16.87 7.97
C ARG C 280 -1.98 -15.46 7.52
N VAL C 281 -2.28 -14.58 8.46
CA VAL C 281 -2.65 -13.20 8.17
C VAL C 281 -1.63 -12.28 8.82
N THR C 282 -1.05 -11.39 8.02
CA THR C 282 -0.09 -10.42 8.51
C THR C 282 -0.67 -9.02 8.35
N ILE C 283 -0.52 -8.20 9.38
CA ILE C 283 -1.14 -6.89 9.43
C ILE C 283 -0.12 -5.85 9.88
N ARG C 284 -0.44 -4.58 9.58
CA ARG C 284 0.37 -3.45 10.01
C ARG C 284 -0.54 -2.26 10.24
N GLN C 285 -0.36 -1.60 11.38
CA GLN C 285 -1.23 -0.51 11.78
C GLN C 285 -1.01 0.69 10.87
N VAL C 286 -2.09 1.32 10.43
CA VAL C 286 -2.04 2.50 9.58
C VAL C 286 -2.97 3.55 10.19
N LYS C 287 -2.45 4.75 10.37
CA LYS C 287 -3.16 5.84 11.01
C LYS C 287 -3.12 7.08 10.13
N THR C 288 -4.26 7.76 10.00
CA THR C 288 -4.39 8.92 9.13
C THR C 288 -5.05 10.05 9.91
N VAL C 289 -4.71 11.28 9.53
CA VAL C 289 -5.26 12.48 10.15
C VAL C 289 -5.75 13.42 9.06
N HIS C 290 -6.87 14.08 9.30
CA HIS C 290 -7.46 15.01 8.35
C HIS C 290 -7.61 16.38 9.00
N GLN C 291 -7.54 17.42 8.17
CA GLN C 291 -7.71 18.78 8.66
C GLN C 291 -9.18 19.17 8.67
N GLU C 292 -9.49 20.23 9.40
CA GLU C 292 -10.87 20.66 9.52
C GLU C 292 -11.42 21.08 8.16
N TYR C 293 -12.73 21.26 8.10
CA TYR C 293 -13.42 21.50 6.84
C TYR C 293 -12.81 22.65 6.05
N PRO C 294 -12.51 23.79 6.69
CA PRO C 294 -11.92 24.90 5.92
C PRO C 294 -10.68 24.49 5.15
N TRP C 295 -9.87 23.58 5.68
CA TRP C 295 -8.74 23.01 4.97
C TRP C 295 -9.00 21.58 4.52
N GLY C 296 -9.32 20.69 5.46
CA GLY C 296 -9.60 19.30 5.12
C GLY C 296 -11.08 19.02 5.09
N GLU C 297 -11.49 17.92 5.74
CA GLU C 297 -12.89 17.53 5.74
C GLU C 297 -13.44 17.22 7.12
N CYS C 298 -12.62 17.14 8.16
CA CYS C 298 -13.13 16.79 9.48
C CYS C 298 -13.91 17.94 10.09
N ASN C 299 -14.84 17.58 10.97
CA ASN C 299 -15.60 18.54 11.78
C ASN C 299 -15.52 18.06 13.22
N PRO C 300 -14.46 18.41 13.94
CA PRO C 300 -14.24 17.83 15.28
C PRO C 300 -15.37 18.10 16.25
N ASN C 301 -16.14 19.17 16.05
CA ASN C 301 -17.10 19.59 17.06
C ASN C 301 -18.28 18.64 17.22
N ILE C 302 -18.53 17.78 16.23
CA ILE C 302 -19.67 16.87 16.32
C ILE C 302 -19.36 15.76 17.33
N LYS C 303 -20.37 15.36 18.10
CA LYS C 303 -20.23 14.34 19.11
C LYS C 303 -21.41 13.40 19.07
N LEU C 304 -21.14 12.10 19.26
CA LEU C 304 -22.20 11.11 19.25
C LEU C 304 -22.91 11.06 20.60
N GLN C 305 -24.16 10.61 20.57
CA GLN C 305 -24.95 10.52 21.80
C GLN C 305 -24.33 9.56 22.80
N ASN C 306 -23.62 8.52 22.35
CA ASN C 306 -22.83 7.71 23.26
C ASN C 306 -21.60 8.46 23.78
N PHE C 307 -21.21 9.53 23.10
CA PHE C 307 -20.12 10.40 23.53
C PHE C 307 -18.78 9.68 23.51
N SER C 308 -18.70 8.53 22.83
CA SER C 308 -17.45 7.80 22.72
C SER C 308 -16.59 8.39 21.62
N SER C 309 -16.22 9.67 21.76
CA SER C 309 -15.45 10.39 20.75
C SER C 309 -16.27 10.39 19.47
N TYR C 310 -15.76 9.89 18.35
CA TYR C 310 -16.51 9.92 17.10
C TYR C 310 -16.01 8.81 16.19
N SER C 311 -16.90 8.35 15.32
CA SER C 311 -16.56 7.32 14.34
C SER C 311 -17.64 7.29 13.28
N THR C 312 -17.22 7.26 12.02
CA THR C 312 -18.16 7.40 10.92
C THR C 312 -19.29 6.39 11.00
N SER C 313 -18.95 5.11 11.16
CA SER C 313 -19.99 4.10 11.27
C SER C 313 -20.88 4.34 12.47
N GLY C 314 -20.30 4.76 13.59
CA GLY C 314 -21.12 5.13 14.73
C GLY C 314 -22.06 6.28 14.40
N CYS C 315 -21.57 7.26 13.63
CA CYS C 315 -22.44 8.36 13.22
C CYS C 315 -23.60 7.85 12.39
N LEU C 316 -23.34 6.95 11.45
CA LEU C 316 -24.42 6.39 10.64
C LEU C 316 -25.43 5.65 11.51
N LYS C 317 -24.94 4.83 12.45
CA LYS C 317 -25.83 4.09 13.33
C LYS C 317 -26.71 5.04 14.13
N GLU C 318 -26.10 6.08 14.71
CA GLU C 318 -26.86 7.02 15.51
C GLU C 318 -27.88 7.76 14.65
N CYS C 319 -27.51 8.15 13.44
CA CYS C 319 -28.44 8.84 12.56
C CYS C 319 -29.63 7.96 12.24
N LYS C 320 -29.39 6.70 11.91
CA LYS C 320 -30.49 5.79 11.61
C LYS C 320 -31.38 5.59 12.84
N ALA C 321 -30.78 5.46 14.01
CA ALA C 321 -31.56 5.31 15.23
C ALA C 321 -32.44 6.53 15.45
N GLN C 322 -31.87 7.73 15.27
CA GLN C 322 -32.63 8.94 15.47
C GLN C 322 -33.80 9.02 14.50
N HIS C 323 -33.56 8.69 13.23
CA HIS C 323 -34.63 8.73 12.24
C HIS C 323 -35.74 7.73 12.59
N ILE C 324 -35.36 6.49 12.90
CA ILE C 324 -36.38 5.47 13.13
C ILE C 324 -37.18 5.78 14.39
N LYS C 325 -36.53 6.33 15.42
CA LYS C 325 -37.24 6.62 16.66
C LYS C 325 -38.41 7.56 16.44
N LYS C 326 -38.30 8.47 15.47
CA LYS C 326 -39.42 9.38 15.18
C LYS C 326 -40.63 8.62 14.68
N GLN C 327 -40.43 7.69 13.76
CA GLN C 327 -41.54 6.97 13.14
C GLN C 327 -42.03 5.81 13.98
N CYS C 328 -41.29 5.41 15.01
CA CYS C 328 -41.70 4.34 15.89
C CYS C 328 -41.10 4.57 17.26
N GLY C 329 -41.86 4.21 18.30
CA GLY C 329 -41.41 4.41 19.66
C GLY C 329 -40.33 3.46 20.12
N CYS C 330 -39.95 2.49 19.29
CA CYS C 330 -38.95 1.51 19.65
C CYS C 330 -37.85 1.50 18.60
N VAL C 331 -36.67 1.03 19.02
CA VAL C 331 -35.49 1.01 18.17
C VAL C 331 -35.04 -0.44 18.02
N PRO C 332 -34.68 -0.89 16.81
CA PRO C 332 -34.19 -2.26 16.67
C PRO C 332 -32.99 -2.51 17.57
N PHE C 333 -32.97 -3.70 18.18
CA PHE C 333 -31.94 -3.99 19.18
C PHE C 333 -30.55 -4.06 18.59
N LEU C 334 -30.43 -4.33 17.29
CA LEU C 334 -29.10 -4.36 16.69
C LEU C 334 -28.38 -3.03 16.83
N LEU C 335 -29.12 -1.93 16.98
CA LEU C 335 -28.53 -0.67 17.38
C LEU C 335 -28.46 -0.65 18.91
N PRO C 336 -27.28 -0.51 19.52
CA PRO C 336 -27.10 -1.01 20.89
C PRO C 336 -28.07 -0.51 21.94
N GLY C 337 -28.08 0.81 22.20
CA GLY C 337 -28.75 1.32 23.40
C GLY C 337 -29.51 2.61 23.17
N TYR C 338 -30.28 2.73 22.09
CA TYR C 338 -30.97 3.99 21.82
C TYR C 338 -32.41 4.02 22.33
N GLY C 339 -32.91 2.93 22.91
CA GLY C 339 -34.26 2.96 23.45
C GLY C 339 -34.84 1.57 23.55
N ILE C 340 -36.17 1.50 23.45
CA ILE C 340 -36.88 0.25 23.61
C ILE C 340 -36.77 -0.59 22.34
N GLU C 341 -36.71 -1.91 22.51
CA GLU C 341 -36.72 -2.80 21.36
C GLU C 341 -38.14 -3.00 20.86
N CYS C 342 -38.31 -2.94 19.54
CA CYS C 342 -39.63 -2.99 18.95
C CYS C 342 -40.19 -4.40 18.95
N ASP C 343 -41.50 -4.50 19.09
CA ASP C 343 -42.16 -5.79 18.94
C ASP C 343 -42.00 -6.29 17.52
N LEU C 344 -42.05 -7.61 17.35
CA LEU C 344 -41.72 -8.20 16.06
C LEU C 344 -42.51 -7.56 14.92
N GLN C 345 -43.81 -7.38 15.11
CA GLN C 345 -44.63 -6.84 14.03
C GLN C 345 -44.15 -5.48 13.57
N LYS C 346 -43.61 -4.67 14.48
CA LYS C 346 -43.19 -3.33 14.11
C LYS C 346 -42.11 -3.37 13.03
N TYR C 347 -41.32 -4.43 12.97
CA TYR C 347 -40.31 -4.53 11.93
C TYR C 347 -40.94 -4.45 10.55
N PHE C 348 -42.04 -5.18 10.35
CA PHE C 348 -42.74 -5.10 9.07
C PHE C 348 -43.54 -3.81 8.97
N SER C 349 -44.17 -3.39 10.08
CA SER C 349 -45.08 -2.25 10.02
C SER C 349 -44.35 -0.97 9.65
N CYS C 350 -43.27 -0.64 10.37
CA CYS C 350 -42.64 0.66 10.22
C CYS C 350 -41.18 0.56 9.77
N VAL C 351 -40.43 -0.35 10.39
CA VAL C 351 -38.97 -0.34 10.24
C VAL C 351 -38.59 -0.45 8.78
N SER C 352 -38.95 -1.56 8.13
CA SER C 352 -38.50 -1.77 6.76
C SER C 352 -38.93 -0.66 5.82
N PRO C 353 -40.18 -0.20 5.82
CA PRO C 353 -40.52 0.97 5.00
C PRO C 353 -39.68 2.19 5.34
N VAL C 354 -39.36 2.38 6.61
CA VAL C 354 -38.56 3.53 7.01
C VAL C 354 -37.16 3.44 6.42
N LEU C 355 -36.56 2.25 6.45
CA LEU C 355 -35.24 2.08 5.85
C LEU C 355 -35.30 2.30 4.35
N ASP C 356 -36.34 1.78 3.70
CA ASP C 356 -36.49 2.01 2.27
C ASP C 356 -36.55 3.50 1.97
N HIS C 357 -37.35 4.24 2.74
CA HIS C 357 -37.45 5.67 2.54
C HIS C 357 -36.12 6.37 2.78
N ILE C 358 -35.41 5.95 3.84
CA ILE C 358 -34.13 6.56 4.16
C ILE C 358 -33.17 6.43 2.98
N GLU C 359 -33.04 5.21 2.45
CA GLU C 359 -32.16 5.01 1.31
C GLU C 359 -32.65 5.76 0.09
N PHE C 360 -33.97 5.79 -0.12
CA PHE C 360 -34.53 6.44 -1.29
C PHE C 360 -34.30 7.94 -1.26
N LYS C 361 -34.22 8.54 -0.08
CA LYS C 361 -34.04 9.98 0.06
C LYS C 361 -32.66 10.37 0.56
N ASP C 362 -31.76 9.40 0.75
CA ASP C 362 -30.38 9.69 1.14
C ASP C 362 -30.33 10.58 2.39
N LEU C 363 -31.24 10.32 3.32
CA LEU C 363 -31.29 11.12 4.55
C LEU C 363 -30.07 10.91 5.42
N CYS C 364 -29.27 9.87 5.17
CA CYS C 364 -28.03 9.63 5.88
C CYS C 364 -26.90 9.48 4.86
N THR C 365 -25.79 10.17 5.09
CA THR C 365 -24.69 10.18 4.14
C THR C 365 -23.38 10.32 4.90
N VAL C 366 -22.29 9.95 4.24
CA VAL C 366 -20.95 10.06 4.79
C VAL C 366 -20.03 10.66 3.73
N GLY C 367 -18.94 11.26 4.21
CA GLY C 367 -17.96 11.86 3.31
C GLY C 367 -17.59 13.27 3.72
N THR C 368 -17.79 14.22 2.80
CA THR C 368 -17.45 15.60 3.07
C THR C 368 -18.32 16.16 4.20
N HIS C 369 -17.95 17.35 4.68
CA HIS C 369 -18.69 17.98 5.75
C HIS C 369 -20.15 18.17 5.40
N ASN C 370 -20.47 18.32 4.12
CA ASN C 370 -21.86 18.44 3.71
C ASN C 370 -22.65 17.18 4.01
N SER C 371 -22.00 16.03 4.13
CA SER C 371 -22.69 14.79 4.43
C SER C 371 -23.09 14.73 5.90
N SER C 372 -24.05 13.87 6.19
CA SER C 372 -24.58 13.78 7.55
C SER C 372 -23.52 13.29 8.53
N CYS C 373 -22.68 12.34 8.12
CA CYS C 373 -21.65 11.77 8.99
C CYS C 373 -20.29 11.99 8.32
N PRO C 374 -19.67 13.15 8.56
CA PRO C 374 -18.39 13.44 7.90
C PRO C 374 -17.28 12.55 8.42
N VAL C 375 -16.17 12.57 7.67
CA VAL C 375 -15.00 11.77 8.03
C VAL C 375 -14.51 12.16 9.41
N SER C 376 -13.85 11.22 10.08
CA SER C 376 -13.31 11.45 11.41
C SER C 376 -11.98 12.18 11.34
N CYS C 377 -11.67 12.89 12.43
CA CYS C 377 -10.38 13.58 12.51
C CYS C 377 -9.23 12.59 12.49
N GLU C 378 -9.37 11.48 13.22
CA GLU C 378 -8.35 10.44 13.28
C GLU C 378 -9.00 9.10 12.97
N GLU C 379 -8.27 8.24 12.28
CA GLU C 379 -8.76 6.92 11.89
C GLU C 379 -7.62 5.93 11.95
N ILE C 380 -7.95 4.68 12.24
CA ILE C 380 -6.99 3.59 12.30
C ILE C 380 -7.47 2.46 11.41
N GLU C 381 -6.66 2.08 10.43
CA GLU C 381 -6.93 0.95 9.55
C GLU C 381 -5.88 -0.12 9.77
N TYR C 382 -6.23 -1.36 9.46
CA TYR C 382 -5.34 -2.51 9.59
C TYR C 382 -5.36 -3.32 8.30
N PRO C 383 -4.67 -2.87 7.27
CA PRO C 383 -4.57 -3.66 6.05
C PRO C 383 -3.92 -5.01 6.34
N ALA C 384 -4.37 -6.04 5.62
CA ALA C 384 -3.92 -7.39 5.86
C ALA C 384 -3.61 -8.10 4.55
N THR C 385 -2.60 -8.97 4.60
CA THR C 385 -2.27 -9.88 3.51
C THR C 385 -2.37 -11.30 4.03
N ILE C 386 -2.69 -12.23 3.13
CA ILE C 386 -3.05 -13.58 3.53
C ILE C 386 -2.30 -14.59 2.69
N SER C 387 -1.98 -15.73 3.31
CA SER C 387 -1.41 -16.87 2.61
C SER C 387 -1.87 -18.12 3.35
N TYR C 388 -1.85 -19.26 2.65
CA TYR C 388 -2.52 -20.46 3.14
C TYR C 388 -1.61 -21.67 3.08
N SER C 389 -2.00 -22.71 3.83
CA SER C 389 -1.36 -24.01 3.82
C SER C 389 -2.39 -25.07 4.16
N SER C 390 -2.25 -26.24 3.53
CA SER C 390 -3.15 -27.34 3.84
C SER C 390 -3.04 -27.70 5.31
N PHE C 391 -4.16 -27.59 6.04
CA PHE C 391 -4.08 -27.67 7.50
C PHE C 391 -3.76 -29.07 7.99
N PRO C 392 -4.62 -30.07 7.79
CA PRO C 392 -4.29 -31.40 8.32
C PRO C 392 -3.28 -32.12 7.45
N SER C 393 -2.04 -32.24 7.92
CA SER C 393 -1.06 -33.06 7.23
C SER C 393 -1.32 -34.53 7.53
N GLN C 394 -0.91 -35.38 6.59
CA GLN C 394 -1.15 -36.81 6.74
C GLN C 394 -0.68 -37.31 8.10
N LYS C 395 0.52 -36.89 8.52
CA LYS C 395 1.00 -37.28 9.84
C LYS C 395 0.14 -36.69 10.95
N ALA C 396 -0.25 -35.43 10.83
CA ALA C 396 -1.05 -34.79 11.88
C ALA C 396 -2.51 -35.20 11.81
N LEU C 397 -2.97 -35.66 10.65
CA LEU C 397 -4.39 -36.00 10.51
C LEU C 397 -4.79 -37.10 11.47
N LYS C 398 -4.02 -38.21 11.49
CA LYS C 398 -4.34 -39.30 12.39
C LYS C 398 -4.23 -38.87 13.85
N TYR C 399 -3.23 -38.06 14.17
CA TYR C 399 -3.07 -37.59 15.54
C TYR C 399 -4.31 -36.82 15.98
N LEU C 400 -4.77 -35.88 15.17
CA LEU C 400 -5.96 -35.11 15.52
C LEU C 400 -7.19 -36.01 15.60
N SER C 401 -7.30 -36.98 14.68
CA SER C 401 -8.43 -37.90 14.72
C SER C 401 -8.48 -38.65 16.03
N LYS C 402 -7.32 -39.16 16.49
CA LYS C 402 -7.28 -39.82 17.78
C LYS C 402 -7.63 -38.85 18.90
N LYS C 403 -7.12 -37.61 18.82
CA LYS C 403 -7.36 -36.65 19.88
C LYS C 403 -8.85 -36.36 20.03
N LEU C 404 -9.57 -36.20 18.93
CA LEU C 404 -10.97 -35.82 18.96
C LEU C 404 -11.93 -36.98 18.75
N ASN C 405 -11.42 -38.21 18.61
CA ASN C 405 -12.28 -39.37 18.45
C ASN C 405 -13.28 -39.18 17.33
N GLN C 406 -12.81 -38.64 16.21
CA GLN C 406 -13.66 -38.33 15.06
C GLN C 406 -12.99 -38.81 13.78
N SER C 407 -13.83 -39.06 12.77
CA SER C 407 -13.33 -39.63 11.53
C SER C 407 -12.42 -38.65 10.81
N ARG C 408 -11.55 -39.22 9.95
CA ARG C 408 -10.61 -38.39 9.21
C ARG C 408 -11.32 -37.47 8.24
N LYS C 409 -12.45 -37.91 7.68
CA LYS C 409 -13.25 -37.03 6.82
C LYS C 409 -13.73 -35.80 7.59
N TYR C 410 -14.19 -36.02 8.83
CA TYR C 410 -14.68 -34.91 9.64
C TYR C 410 -13.59 -33.86 9.84
N ILE C 411 -12.36 -34.30 10.06
CA ILE C 411 -11.28 -33.35 10.34
C ILE C 411 -11.06 -32.45 9.13
N ARG C 412 -11.02 -33.03 7.93
CA ARG C 412 -10.85 -32.21 6.74
C ARG C 412 -12.04 -31.31 6.50
N GLU C 413 -13.24 -31.75 6.85
CA GLU C 413 -14.46 -31.03 6.50
C GLU C 413 -14.96 -30.09 7.59
N ASN C 414 -14.25 -29.97 8.72
CA ASN C 414 -14.78 -29.17 9.82
C ASN C 414 -13.80 -28.17 10.43
N LEU C 415 -12.50 -28.40 10.40
CA LEU C 415 -11.56 -27.62 11.20
C LEU C 415 -10.99 -26.44 10.43
N VAL C 416 -10.70 -25.36 11.15
CA VAL C 416 -10.13 -24.14 10.60
C VAL C 416 -9.04 -23.65 11.53
N LYS C 417 -7.90 -23.25 10.98
CA LYS C 417 -6.79 -22.73 11.75
C LYS C 417 -6.41 -21.35 11.23
N ILE C 418 -6.27 -20.39 12.13
CA ILE C 418 -5.99 -19.01 11.77
C ILE C 418 -4.83 -18.51 12.62
N GLU C 419 -4.03 -17.62 12.05
CA GLU C 419 -2.92 -16.99 12.75
C GLU C 419 -2.79 -15.55 12.29
N ILE C 420 -2.72 -14.62 13.23
CA ILE C 420 -2.61 -13.20 12.94
C ILE C 420 -1.36 -12.68 13.63
N ASN C 421 -0.47 -12.05 12.87
CA ASN C 421 0.80 -11.56 13.39
C ASN C 421 1.06 -10.16 12.88
N TYR C 422 1.77 -9.37 13.69
CA TYR C 422 2.26 -8.08 13.24
C TYR C 422 3.44 -8.27 12.29
N SER C 423 3.53 -7.38 11.29
CA SER C 423 4.65 -7.44 10.38
C SER C 423 5.92 -6.95 11.07
N ASP C 424 7.04 -7.11 10.39
CA ASP C 424 8.32 -6.68 10.97
C ASP C 424 8.42 -5.18 11.09
N LEU C 425 7.73 -4.43 10.23
CA LEU C 425 7.62 -2.98 10.36
C LEU C 425 6.32 -2.71 11.10
N ASN C 426 6.42 -2.03 12.24
CA ASN C 426 5.29 -1.95 13.16
C ASN C 426 4.23 -0.96 12.68
N TYR C 427 4.62 0.30 12.51
CA TYR C 427 3.66 1.39 12.52
C TYR C 427 3.89 2.30 11.32
N LYS C 428 2.82 2.96 10.89
CA LYS C 428 2.88 3.91 9.78
C LYS C 428 1.75 4.92 9.95
N ILE C 429 2.06 6.19 9.73
CA ILE C 429 1.11 7.28 9.97
C ILE C 429 1.09 8.20 8.76
N THR C 430 -0.11 8.68 8.43
CA THR C 430 -0.30 9.70 7.40
C THR C 430 -0.89 10.93 8.07
N GLN C 431 -0.31 12.09 7.80
CA GLN C 431 -0.74 13.33 8.44
C GLN C 431 -0.95 14.41 7.39
N GLN C 432 -2.03 15.18 7.54
CA GLN C 432 -2.32 16.29 6.64
C GLN C 432 -1.85 17.58 7.30
N GLN C 433 -0.93 18.28 6.65
CA GLN C 433 -0.35 19.48 7.22
C GLN C 433 -1.12 20.72 6.80
N LYS C 434 -1.16 21.71 7.70
CA LYS C 434 -1.62 23.03 7.32
C LYS C 434 -0.56 23.70 6.46
N ALA C 435 -0.85 23.84 5.17
CA ALA C 435 0.14 24.39 4.26
C ALA C 435 0.53 25.81 4.63
N VAL C 436 -0.34 26.53 5.33
CA VAL C 436 -0.12 27.94 5.62
C VAL C 436 -0.96 28.35 6.82
N SER C 437 -0.42 29.29 7.59
CA SER C 437 -1.16 30.04 8.59
C SER C 437 -0.95 31.53 8.31
N VAL C 438 -1.45 32.37 9.22
CA VAL C 438 -1.33 33.81 9.02
C VAL C 438 0.13 34.21 8.90
N SER C 439 0.98 33.67 9.78
CA SER C 439 2.39 34.05 9.77
C SER C 439 3.06 33.70 8.46
N GLU C 440 2.78 32.50 7.93
CA GLU C 440 3.46 32.07 6.72
C GLU C 440 3.16 33.01 5.55
N LEU C 441 1.90 33.40 5.38
CA LEU C 441 1.57 34.33 4.30
C LEU C 441 2.30 35.65 4.48
N LEU C 442 2.37 36.16 5.71
CA LEU C 442 3.11 37.39 5.95
C LEU C 442 4.58 37.24 5.56
N ALA C 443 5.16 36.07 5.83
CA ALA C 443 6.54 35.84 5.45
C ALA C 443 6.72 35.92 3.94
N ASP C 444 5.80 35.31 3.19
CA ASP C 444 5.87 35.40 1.73
C ASP C 444 5.59 36.83 1.26
N LEU C 445 4.66 37.51 1.93
CA LEU C 445 4.30 38.87 1.52
C LEU C 445 5.51 39.80 1.63
N GLY C 446 6.24 39.73 2.74
CA GLY C 446 7.38 40.61 2.92
C GLY C 446 8.47 40.38 1.88
N GLY C 447 8.82 39.11 1.65
CA GLY C 447 9.85 38.81 0.67
C GLY C 447 9.45 39.24 -0.73
N GLN C 448 8.23 38.93 -1.15
CA GLN C 448 7.77 39.34 -2.47
C GLN C 448 7.73 40.86 -2.58
N LEU C 449 7.24 41.55 -1.55
CA LEU C 449 7.23 43.00 -1.57
C LEU C 449 8.64 43.56 -1.66
N GLY C 450 9.57 43.00 -0.90
CA GLY C 450 10.93 43.52 -0.89
C GLY C 450 11.69 43.18 -2.17
N LEU C 451 11.23 42.17 -2.90
CA LEU C 451 11.94 41.73 -4.10
C LEU C 451 12.15 42.89 -5.06
N PHE C 452 11.05 43.52 -5.50
CA PHE C 452 11.14 44.58 -6.51
C PHE C 452 11.21 45.96 -5.88
N CYS C 453 10.20 46.34 -5.11
CA CYS C 453 10.14 47.68 -4.54
C CYS C 453 11.15 47.90 -3.43
N GLY C 454 11.72 46.82 -2.87
CA GLY C 454 12.67 46.97 -1.78
C GLY C 454 12.06 47.73 -0.61
N ALA C 455 10.84 47.36 -0.24
CA ALA C 455 10.08 48.08 0.77
C ALA C 455 9.76 47.15 1.92
N SER C 456 9.03 47.68 2.89
CA SER C 456 8.61 46.91 4.06
C SER C 456 7.37 47.58 4.65
N LEU C 457 6.81 46.94 5.67
CA LEU C 457 5.65 47.50 6.33
C LEU C 457 5.95 48.88 6.90
N ILE C 458 7.16 49.08 7.45
CA ILE C 458 7.54 50.39 7.96
C ILE C 458 7.46 51.44 6.85
N THR C 459 7.96 51.11 5.66
CA THR C 459 7.83 52.02 4.54
C THR C 459 6.36 52.24 4.18
N ILE C 460 5.57 51.16 4.20
CA ILE C 460 4.13 51.30 3.94
C ILE C 460 3.50 52.26 4.94
N ILE C 461 3.89 52.15 6.22
CA ILE C 461 3.39 53.08 7.22
C ILE C 461 3.84 54.51 6.91
N GLU C 462 5.10 54.68 6.52
CA GLU C 462 5.59 56.01 6.16
C GLU C 462 4.83 56.56 4.97
N ILE C 463 4.61 55.74 3.95
CA ILE C 463 3.81 56.18 2.81
C ILE C 463 2.40 56.54 3.24
N ILE C 464 1.80 55.73 4.09
CA ILE C 464 0.47 56.04 4.59
C ILE C 464 0.46 57.35 5.37
N GLU C 465 1.49 57.58 6.19
CA GLU C 465 1.57 58.82 6.94
C GLU C 465 1.63 60.03 6.00
N TYR C 466 2.40 59.91 4.92
CA TYR C 466 2.44 60.99 3.93
C TYR C 466 1.07 61.19 3.30
N LEU C 467 0.38 60.10 2.98
CA LEU C 467 -0.95 60.20 2.37
C LEU C 467 -1.94 60.83 3.34
N PHE C 468 -1.86 60.47 4.62
CA PHE C 468 -2.82 60.99 5.59
C PHE C 468 -2.79 62.51 5.67
N THR C 469 -1.60 63.11 5.61
CA THR C 469 -1.50 64.56 5.61
C THR C 469 -2.16 65.16 4.37
N ASN C 470 -1.93 64.56 3.19
CA ASN C 470 -2.54 65.08 1.96
C ASN C 470 -4.05 64.93 1.99
N PHE C 471 -4.56 63.81 2.49
CA PHE C 471 -5.99 63.57 2.54
C PHE C 471 -6.67 64.59 3.44
#